data_5ZE3
#
_entry.id   5ZE3
#
_cell.length_a   73.095
_cell.length_b   61.487
_cell.length_c   137.883
_cell.angle_alpha   90.00
_cell.angle_beta   102.33
_cell.angle_gamma   90.00
#
_symmetry.space_group_name_H-M   'P 1 21 1'
#
loop_
_entity.id
_entity.type
_entity.pdbx_description
1 polymer 'Lysyl oxidase homolog 2'
2 non-polymer 'CALCIUM ION'
3 non-polymer 2-acetamido-2-deoxy-beta-D-glucopyranose
4 non-polymer 'ZINC ION'
5 non-polymer 'SULFATE ION'
6 water water
#
_entity_poly.entity_id   1
_entity_poly.type   'polypeptide(L)'
_entity_poly.pdbx_seq_one_letter_code
;AYKPEQPLVRLRGGAYIGEGRVEVLKNGEWGTVCDDKWDLVSASVVCRELGFGSAKEAVTGSRLGQGIGPIHLNEIQCTG
NEKSIIDCKFNAESQGCNHEEDAGVRCNTPAMGLQKKLRLNGGRNPYEGRVEVLVERQGSLVWGMVCGQNWGIVEAMVVC
RQLGLGFASNAFQETWYWHGDVNSNKVVMSGVKCSGTELSLAHCRHDGEDVACPQGGVQYGAGVACSETAPDLVLNAEMV
QQTTYLEDRPMFLLQCAMEENCLSASAAQTDPTTGYRRLLRFSSQIHNNGQSDFRPKNGRHAWIWHDCHRHYHSMEVFTH
YDLLNLNGTKVAEGHKASFCLEDTECEGDIQKNYECANFGDQGITMGCWDMYRHDIDCQWVDITDVPPGDYLFQVVINPN
FEVAESDYSNNIMKCRSRYDGHRIWMYNCHIGGSFSEETEKKFEHFSGLLNNQLSPQ
;
_entity_poly.pdbx_strand_id   A,B
#
loop_
_chem_comp.id
_chem_comp.type
_chem_comp.name
_chem_comp.formula
CA non-polymer 'CALCIUM ION' 'Ca 2'
NAG D-saccharide, beta linking 2-acetamido-2-deoxy-beta-D-glucopyranose 'C8 H15 N O6'
SO4 non-polymer 'SULFATE ION' 'O4 S -2'
ZN non-polymer 'ZINC ION' 'Zn 2'
#
# COMPACT_ATOMS: atom_id res chain seq x y z
N GLU A 5 22.93 -4.87 -13.05
CA GLU A 5 23.50 -4.70 -14.38
C GLU A 5 22.99 -3.41 -15.01
N GLN A 6 23.70 -2.89 -16.00
CA GLN A 6 23.42 -1.58 -16.60
C GLN A 6 22.69 -1.77 -17.92
N PRO A 7 21.48 -1.24 -18.09
CA PRO A 7 20.78 -1.42 -19.37
C PRO A 7 21.35 -0.47 -20.41
N LEU A 8 21.26 -0.87 -21.66
CA LEU A 8 21.87 -0.11 -22.74
C LEU A 8 20.84 0.55 -23.62
N VAL A 9 19.57 0.45 -23.23
CA VAL A 9 18.46 0.94 -24.03
C VAL A 9 17.32 1.18 -23.07
N ARG A 10 16.50 2.16 -23.38
CA ARG A 10 15.38 2.48 -22.54
C ARG A 10 14.41 3.28 -23.38
N LEU A 11 13.21 3.41 -22.87
CA LEU A 11 12.13 4.14 -23.49
C LEU A 11 11.85 5.34 -22.60
N ARG A 12 11.60 6.52 -23.22
CA ARG A 12 11.14 7.72 -22.52
C ARG A 12 9.93 8.26 -23.25
N GLY A 13 9.22 9.18 -22.58
CA GLY A 13 7.98 9.73 -23.09
C GLY A 13 6.99 8.58 -23.25
N GLY A 14 5.78 8.94 -23.60
CA GLY A 14 4.86 7.84 -23.77
C GLY A 14 4.36 7.25 -22.47
N ALA A 15 3.08 6.90 -22.51
CA ALA A 15 2.23 6.76 -21.35
C ALA A 15 2.27 5.37 -20.75
N TYR A 16 2.34 4.37 -21.62
CA TYR A 16 2.28 2.98 -21.22
C TYR A 16 3.67 2.39 -21.19
N ILE A 17 3.93 1.58 -20.16
CA ILE A 17 5.08 0.70 -20.10
C ILE A 17 5.25 -0.05 -21.42
N GLY A 18 6.48 -0.14 -21.90
CA GLY A 18 6.68 -0.79 -23.17
C GLY A 18 6.44 0.06 -24.39
N GLU A 19 6.35 1.39 -24.25
CA GLU A 19 6.12 2.30 -25.36
C GLU A 19 6.98 3.53 -25.13
N GLY A 20 7.67 4.01 -26.16
CA GLY A 20 8.32 5.30 -26.04
C GLY A 20 9.46 5.47 -27.01
N ARG A 21 10.17 6.57 -26.82
CA ARG A 21 11.30 6.91 -27.66
C ARG A 21 12.44 5.97 -27.29
N VAL A 22 13.10 5.42 -28.30
CA VAL A 22 14.23 4.54 -28.02
C VAL A 22 15.43 5.41 -27.70
N GLU A 23 16.11 5.09 -26.62
CA GLU A 23 17.34 5.79 -26.28
C GLU A 23 18.33 4.75 -25.85
N VAL A 24 19.59 5.02 -26.15
CA VAL A 24 20.62 4.00 -26.13
C VAL A 24 21.86 4.55 -25.43
N LEU A 25 22.53 3.70 -24.67
CA LEU A 25 23.74 4.06 -23.95
C LEU A 25 25.00 3.77 -24.74
N LYS A 26 25.62 4.83 -25.22
CA LYS A 26 26.84 4.76 -26.01
C LYS A 26 27.79 5.82 -25.46
N ASN A 27 29.04 5.43 -25.18
CA ASN A 27 30.07 6.31 -24.60
C ASN A 27 29.65 6.94 -23.26
N GLY A 28 28.91 6.20 -22.45
CA GLY A 28 28.46 6.70 -21.17
C GLY A 28 27.35 7.73 -21.24
N GLU A 29 26.91 8.07 -22.44
CA GLU A 29 25.84 9.05 -22.62
C GLU A 29 24.64 8.36 -23.24
N TRP A 30 23.46 8.68 -22.74
CA TRP A 30 22.27 8.25 -23.46
C TRP A 30 22.07 9.14 -24.67
N GLY A 31 21.39 8.61 -25.68
CA GLY A 31 21.18 9.35 -26.91
C GLY A 31 20.20 8.59 -27.77
N THR A 32 19.65 9.31 -28.77
CA THR A 32 18.48 8.80 -29.47
C THR A 32 18.90 8.03 -30.71
N VAL A 33 17.95 7.45 -31.42
CA VAL A 33 18.22 6.82 -32.71
C VAL A 33 17.37 7.50 -33.78
N CYS A 34 18.02 7.87 -34.90
CA CYS A 34 17.34 8.52 -36.02
C CYS A 34 16.43 7.53 -36.74
N ASP A 35 15.30 8.02 -37.28
CA ASP A 35 14.29 7.09 -37.78
C ASP A 35 14.43 6.71 -39.25
N ASP A 36 15.51 7.11 -39.95
CA ASP A 36 15.73 6.61 -41.30
C ASP A 36 15.95 5.10 -41.28
N LYS A 37 15.22 4.35 -42.12
CA LYS A 37 15.26 2.88 -42.16
C LYS A 37 14.96 2.29 -40.78
N TRP A 38 14.21 3.02 -39.97
CA TRP A 38 13.66 2.42 -38.77
C TRP A 38 12.65 1.36 -39.19
N ASP A 39 12.75 0.18 -38.61
CA ASP A 39 11.95 -0.91 -39.09
C ASP A 39 11.37 -1.66 -37.91
N LEU A 40 10.37 -2.47 -38.25
CA LEU A 40 9.66 -3.26 -37.26
C LEU A 40 10.56 -4.33 -36.66
N VAL A 41 11.45 -4.93 -37.46
CA VAL A 41 12.29 -6.01 -36.94
C VAL A 41 13.28 -5.47 -35.92
N SER A 42 13.95 -4.37 -36.26
CA SER A 42 14.79 -3.70 -35.29
C SER A 42 14.00 -3.31 -34.05
N ALA A 43 12.84 -2.67 -34.26
CA ALA A 43 12.01 -2.20 -33.14
C ALA A 43 11.74 -3.33 -32.19
N SER A 44 11.40 -4.48 -32.76
CA SER A 44 11.05 -5.63 -31.98
C SER A 44 12.31 -6.26 -31.35
N VAL A 45 13.50 -5.95 -31.86
CA VAL A 45 14.73 -6.24 -31.11
C VAL A 45 14.80 -5.42 -29.82
N VAL A 46 14.40 -4.14 -29.84
CA VAL A 46 14.38 -3.48 -28.52
C VAL A 46 13.24 -4.01 -27.64
N CYS A 47 12.07 -4.28 -28.22
CA CYS A 47 11.01 -4.81 -27.37
C CYS A 47 11.46 -6.11 -26.66
N ARG A 48 12.15 -6.99 -27.40
CA ARG A 48 12.61 -8.24 -26.82
C ARG A 48 13.69 -8.01 -25.77
N GLU A 49 14.64 -7.13 -26.08
CA GLU A 49 15.67 -6.76 -25.11
C GLU A 49 15.07 -6.26 -23.80
N LEU A 50 14.01 -5.47 -23.85
CA LEU A 50 13.39 -5.08 -22.60
C LEU A 50 12.38 -6.12 -22.09
N GLY A 51 12.22 -7.22 -22.81
CA GLY A 51 11.46 -8.33 -22.29
C GLY A 51 9.98 -8.30 -22.56
N PHE A 52 9.51 -7.41 -23.43
CA PHE A 52 8.14 -7.52 -23.90
C PHE A 52 8.12 -8.22 -25.24
N GLY A 53 6.91 -8.54 -25.71
CA GLY A 53 6.73 -9.37 -26.88
C GLY A 53 7.59 -8.91 -28.04
N SER A 54 7.18 -7.80 -28.63
CA SER A 54 7.59 -7.46 -29.97
C SER A 54 6.87 -6.21 -30.38
N ALA A 55 7.36 -5.52 -31.38
CA ALA A 55 6.85 -4.21 -31.69
C ALA A 55 5.55 -4.37 -32.44
N LYS A 56 4.45 -3.92 -31.83
CA LYS A 56 3.31 -3.51 -32.64
C LYS A 56 3.76 -2.51 -33.65
N GLU A 57 4.52 -1.51 -33.19
CA GLU A 57 4.79 -0.33 -34.00
C GLU A 57 6.23 0.12 -33.92
N ALA A 58 6.74 0.48 -35.11
CA ALA A 58 8.02 1.15 -35.27
C ALA A 58 7.64 2.60 -35.52
N VAL A 59 7.71 3.38 -34.47
CA VAL A 59 7.27 4.76 -34.47
C VAL A 59 8.39 5.62 -35.00
N THR A 60 8.03 6.55 -35.88
CA THR A 60 8.96 7.47 -36.54
C THR A 60 8.64 8.93 -36.21
N GLY A 61 9.57 9.80 -36.59
CA GLY A 61 9.31 11.23 -36.52
C GLY A 61 9.01 11.74 -35.13
N SER A 62 9.55 11.11 -34.09
CA SER A 62 9.39 11.63 -32.73
C SER A 62 7.93 11.68 -32.26
N ARG A 63 7.08 10.80 -32.78
CA ARG A 63 5.68 10.87 -32.39
C ARG A 63 5.48 10.68 -30.89
N LEU A 64 6.39 9.99 -30.20
CA LEU A 64 6.31 9.88 -28.75
C LEU A 64 7.23 10.87 -28.03
N GLY A 65 7.71 11.89 -28.74
CA GLY A 65 8.40 12.97 -28.06
C GLY A 65 9.84 13.01 -28.49
N GLN A 66 10.50 14.16 -28.34
CA GLN A 66 11.86 14.29 -28.83
C GLN A 66 12.84 14.11 -27.70
N GLY A 67 14.09 13.81 -28.07
CA GLY A 67 15.21 13.94 -27.16
C GLY A 67 16.05 15.16 -27.51
N ILE A 68 17.00 15.44 -26.63
CA ILE A 68 18.01 16.48 -26.86
C ILE A 68 19.37 15.82 -26.74
N GLY A 69 20.32 16.36 -27.46
CA GLY A 69 21.67 15.89 -27.34
C GLY A 69 22.02 14.93 -28.45
N PRO A 70 22.80 13.90 -28.13
CA PRO A 70 23.41 13.09 -29.20
C PRO A 70 22.40 12.16 -29.85
N ILE A 71 22.42 12.13 -31.18
CA ILE A 71 21.78 11.08 -31.97
C ILE A 71 22.87 10.04 -32.25
N HIS A 72 22.80 8.89 -31.56
CA HIS A 72 23.87 7.90 -31.58
C HIS A 72 23.81 6.97 -32.79
N LEU A 73 22.66 6.36 -33.01
CA LEU A 73 22.47 5.33 -34.02
C LEU A 73 21.67 5.92 -35.17
N ASN A 74 21.77 5.28 -36.32
CA ASN A 74 20.99 5.73 -37.46
C ASN A 74 20.90 4.58 -38.45
N GLU A 75 19.75 4.50 -39.13
CA GLU A 75 19.49 3.44 -40.09
C GLU A 75 19.86 2.08 -39.51
N ILE A 76 19.36 1.83 -38.30
CA ILE A 76 19.37 0.49 -37.73
C ILE A 76 18.86 -0.50 -38.75
N GLN A 77 19.53 -1.67 -38.85
CA GLN A 77 19.11 -2.77 -39.70
C GLN A 77 19.37 -4.10 -38.99
N CYS A 78 18.62 -4.38 -37.92
CA CYS A 78 18.78 -5.66 -37.26
C CYS A 78 18.32 -6.79 -38.17
N THR A 79 18.91 -7.97 -37.97
CA THR A 79 18.42 -9.22 -38.54
C THR A 79 17.23 -9.75 -37.76
N GLY A 80 17.26 -9.60 -36.43
CA GLY A 80 16.20 -10.06 -35.56
C GLY A 80 16.76 -10.97 -34.49
N ASN A 81 18.02 -11.37 -34.70
CA ASN A 81 18.67 -12.35 -33.86
C ASN A 81 19.58 -11.75 -32.82
N GLU A 82 19.68 -10.42 -32.78
CA GLU A 82 20.58 -9.75 -31.84
C GLU A 82 20.01 -9.70 -30.43
N LYS A 83 20.87 -9.92 -29.45
CA LYS A 83 20.49 -9.87 -28.04
C LYS A 83 20.22 -8.46 -27.56
N SER A 84 20.52 -7.45 -28.37
CA SER A 84 20.44 -6.07 -27.95
C SER A 84 20.61 -5.19 -29.18
N ILE A 85 19.84 -4.10 -29.25
CA ILE A 85 19.90 -3.21 -30.41
C ILE A 85 21.26 -2.59 -30.59
N ILE A 86 22.16 -2.72 -29.60
CA ILE A 86 23.50 -2.20 -29.78
C ILE A 86 24.39 -3.12 -30.62
N ASP A 87 23.88 -4.30 -31.00
CA ASP A 87 24.66 -5.21 -31.84
C ASP A 87 24.29 -5.15 -33.32
N CYS A 88 23.15 -4.58 -33.66
CA CYS A 88 22.68 -4.52 -35.05
C CYS A 88 23.57 -3.62 -35.90
N LYS A 89 23.57 -3.85 -37.20
CA LYS A 89 24.30 -2.94 -38.09
C LYS A 89 23.62 -1.58 -38.11
N PHE A 90 24.43 -0.53 -38.08
CA PHE A 90 23.92 0.82 -38.16
C PHE A 90 24.91 1.73 -38.89
N ASN A 91 24.34 2.77 -39.47
CA ASN A 91 25.06 3.86 -40.12
C ASN A 91 25.40 4.89 -39.04
N ALA A 92 26.68 5.19 -38.85
CA ALA A 92 27.04 6.02 -37.70
C ALA A 92 27.07 7.53 -38.00
N GLU A 93 26.72 7.93 -39.21
CA GLU A 93 26.63 9.35 -39.47
C GLU A 93 25.17 9.84 -39.44
N SER A 94 24.87 10.67 -38.46
CA SER A 94 23.53 11.17 -38.23
C SER A 94 23.37 12.62 -38.61
N GLN A 95 24.31 13.15 -39.38
CA GLN A 95 24.42 14.58 -39.59
C GLN A 95 23.17 15.15 -40.21
N GLY A 96 22.53 14.38 -41.08
CA GLY A 96 21.31 14.80 -41.74
C GLY A 96 20.12 14.57 -40.83
N CYS A 97 20.39 14.12 -39.62
CA CYS A 97 19.36 13.78 -38.65
C CYS A 97 19.23 14.81 -37.54
N ASN A 98 18.00 15.13 -37.17
CA ASN A 98 17.71 15.99 -36.02
C ASN A 98 16.68 15.31 -35.14
N HIS A 99 16.20 16.06 -34.15
CA HIS A 99 15.40 15.49 -33.09
C HIS A 99 13.90 15.48 -33.37
N GLU A 100 13.50 15.75 -34.62
CA GLU A 100 12.16 15.40 -35.08
C GLU A 100 12.14 14.07 -35.80
N GLU A 101 13.25 13.33 -35.79
CA GLU A 101 13.35 12.00 -36.37
C GLU A 101 13.84 10.99 -35.33
N ASP A 102 13.56 11.23 -34.04
CA ASP A 102 13.93 10.25 -33.03
C ASP A 102 12.97 9.06 -33.07
N ALA A 103 13.53 7.87 -33.19
CA ALA A 103 12.68 6.69 -33.35
C ALA A 103 12.06 6.31 -32.00
N GLY A 104 11.06 5.43 -32.07
CA GLY A 104 10.35 4.98 -30.89
C GLY A 104 9.64 3.68 -31.19
N VAL A 105 9.19 3.01 -30.15
CA VAL A 105 8.55 1.73 -30.34
C VAL A 105 7.26 1.70 -29.54
N ARG A 106 6.31 0.86 -30.02
CA ARG A 106 5.17 0.39 -29.23
C ARG A 106 5.25 -1.12 -29.19
N CYS A 107 5.72 -1.63 -28.05
CA CYS A 107 5.87 -3.06 -27.80
C CYS A 107 4.53 -3.70 -27.45
N ASN A 108 4.35 -4.94 -27.92
CA ASN A 108 3.29 -5.79 -27.40
C ASN A 108 3.63 -6.20 -25.98
N THR A 109 2.69 -5.93 -25.09
CA THR A 109 2.79 -6.23 -23.68
C THR A 109 1.43 -6.65 -23.20
N PRO A 110 1.38 -7.40 -22.11
CA PRO A 110 0.11 -7.84 -21.55
C PRO A 110 -0.65 -6.70 -20.95
N ALA A 111 -1.96 -6.71 -21.06
CA ALA A 111 -2.75 -5.74 -20.32
C ALA A 111 -3.33 -6.49 -19.14
N MET A 112 -3.17 -5.94 -17.93
CA MET A 112 -3.76 -6.61 -16.78
C MET A 112 -5.18 -6.21 -16.96
N GLY A 113 -6.00 -7.21 -17.17
CA GLY A 113 -7.11 -7.11 -18.07
C GLY A 113 -8.19 -6.11 -17.75
N LEU A 114 -8.62 -6.08 -16.51
CA LEU A 114 -9.77 -5.28 -16.15
C LEU A 114 -9.56 -4.74 -14.76
N GLN A 115 -10.09 -3.57 -14.48
CA GLN A 115 -9.91 -2.98 -13.18
C GLN A 115 -11.22 -3.03 -12.43
N LYS A 116 -11.20 -3.62 -11.24
CA LYS A 116 -12.40 -3.73 -10.44
C LYS A 116 -12.31 -3.15 -9.04
N LYS A 117 -11.14 -2.74 -8.61
CA LYS A 117 -10.97 -2.27 -7.25
C LYS A 117 -10.70 -0.78 -7.22
N LEU A 118 -10.59 -0.21 -8.39
CA LEU A 118 -10.41 1.22 -8.59
C LEU A 118 -11.24 1.74 -9.74
N ARG A 119 -11.84 2.91 -9.58
CA ARG A 119 -12.65 3.45 -10.66
C ARG A 119 -12.65 4.96 -10.57
N LEU A 120 -13.04 5.56 -11.68
CA LEU A 120 -13.29 6.98 -11.75
C LEU A 120 -14.80 7.17 -11.66
N ASN A 121 -15.24 8.10 -10.83
CA ASN A 121 -16.67 8.22 -10.55
C ASN A 121 -17.13 9.66 -10.70
N GLY A 122 -18.21 9.89 -11.42
CA GLY A 122 -18.71 11.23 -11.60
C GLY A 122 -18.05 11.91 -12.77
N GLY A 123 -18.63 12.99 -13.26
CA GLY A 123 -18.04 13.67 -14.39
C GLY A 123 -18.57 13.16 -15.71
N ARG A 124 -18.55 14.03 -16.71
CA ARG A 124 -19.10 13.69 -18.01
C ARG A 124 -18.01 13.12 -18.91
N ASN A 125 -16.82 13.03 -18.36
CA ASN A 125 -15.70 12.58 -19.12
C ASN A 125 -15.25 11.23 -18.65
N PRO A 126 -15.06 10.29 -19.66
CA PRO A 126 -14.42 9.04 -19.20
C PRO A 126 -13.02 9.30 -18.64
N TYR A 127 -12.43 10.40 -19.04
CA TYR A 127 -11.06 10.69 -18.71
C TYR A 127 -10.90 11.46 -17.39
N GLU A 128 -11.96 11.61 -16.61
CA GLU A 128 -11.78 12.27 -15.34
C GLU A 128 -12.86 11.78 -14.39
N GLY A 129 -12.70 12.15 -13.12
CA GLY A 129 -13.63 11.74 -12.09
C GLY A 129 -12.94 11.68 -10.76
N ARG A 130 -13.76 11.59 -9.71
CA ARG A 130 -13.24 11.30 -8.38
C ARG A 130 -12.75 9.86 -8.39
N VAL A 131 -11.64 9.60 -7.72
CA VAL A 131 -11.09 8.24 -7.69
C VAL A 131 -11.67 7.53 -6.49
N GLU A 132 -12.30 6.38 -6.73
CA GLU A 132 -12.92 5.58 -5.69
C GLU A 132 -12.32 4.19 -5.71
N VAL A 133 -12.26 3.55 -4.53
CA VAL A 133 -11.63 2.25 -4.35
C VAL A 133 -12.62 1.30 -3.67
N LEU A 134 -12.71 0.09 -4.20
CA LEU A 134 -13.53 -0.94 -3.57
C LEU A 134 -12.87 -1.42 -2.28
N VAL A 135 -13.67 -1.57 -1.22
CA VAL A 135 -13.26 -2.17 0.04
C VAL A 135 -14.41 -2.98 0.63
N GLU A 136 -14.10 -3.64 1.74
CA GLU A 136 -15.07 -4.41 2.51
C GLU A 136 -15.42 -3.59 3.75
N ARG A 137 -16.69 -3.35 3.99
CA ARG A 137 -17.11 -2.60 5.18
C ARG A 137 -18.36 -3.23 5.75
N GLN A 138 -18.23 -3.80 6.93
CA GLN A 138 -19.31 -4.47 7.64
C GLN A 138 -19.98 -5.55 6.79
N GLY A 139 -19.18 -6.34 6.09
CA GLY A 139 -19.73 -7.37 5.25
C GLY A 139 -20.02 -6.94 3.83
N SER A 140 -20.40 -5.69 3.58
CA SER A 140 -20.68 -5.33 2.20
C SER A 140 -19.43 -4.90 1.44
N LEU A 141 -19.50 -5.04 0.13
CA LEU A 141 -18.52 -4.46 -0.80
C LEU A 141 -18.99 -3.06 -1.16
N VAL A 142 -18.23 -2.04 -0.74
CA VAL A 142 -18.60 -0.65 -0.92
C VAL A 142 -17.46 0.10 -1.61
N TRP A 143 -17.83 1.19 -2.29
CA TRP A 143 -16.88 2.13 -2.88
C TRP A 143 -16.70 3.33 -1.95
N GLY A 144 -15.44 3.64 -1.65
CA GLY A 144 -15.15 4.81 -0.86
C GLY A 144 -14.14 5.64 -1.63
N MET A 145 -13.66 6.70 -0.98
CA MET A 145 -12.71 7.62 -1.59
C MET A 145 -11.34 7.69 -0.96
N VAL A 146 -10.47 8.49 -1.57
CA VAL A 146 -9.08 8.66 -1.16
C VAL A 146 -8.90 10.04 -0.52
N CYS A 147 -8.13 10.12 0.55
CA CYS A 147 -7.85 11.44 1.09
C CYS A 147 -7.21 12.31 0.01
N GLY A 148 -7.69 13.56 -0.07
CA GLY A 148 -7.14 14.50 -1.00
C GLY A 148 -5.94 15.22 -0.48
N GLN A 149 -5.60 15.02 0.80
CA GLN A 149 -4.49 15.74 1.40
C GLN A 149 -3.19 15.33 0.71
N ASN A 150 -2.50 16.33 0.13
CA ASN A 150 -1.23 16.12 -0.57
C ASN A 150 -1.39 15.15 -1.73
N TRP A 151 -2.48 15.30 -2.47
CA TRP A 151 -2.71 14.53 -3.68
C TRP A 151 -2.18 15.34 -4.87
N GLY A 152 -1.21 14.79 -5.59
CA GLY A 152 -0.53 15.51 -6.65
C GLY A 152 -0.60 14.82 -8.00
N ILE A 153 0.15 15.39 -8.96
CA ILE A 153 0.22 14.85 -10.30
C ILE A 153 0.77 13.43 -10.28
N VAL A 154 1.81 13.18 -9.47
CA VAL A 154 2.48 11.87 -9.51
C VAL A 154 1.53 10.75 -9.13
N GLU A 155 0.80 10.90 -8.03
CA GLU A 155 -0.25 9.94 -7.72
C GLU A 155 -1.25 9.84 -8.88
N ALA A 156 -1.69 10.99 -9.41
CA ALA A 156 -2.64 11.02 -10.51
C ALA A 156 -2.17 10.19 -11.70
N MET A 157 -0.90 10.39 -12.10
CA MET A 157 -0.22 9.54 -13.08
C MET A 157 -0.38 8.08 -12.74
N VAL A 158 -0.22 7.70 -11.48
CA VAL A 158 -0.37 6.27 -11.23
C VAL A 158 -1.82 5.84 -11.45
N VAL A 159 -2.80 6.67 -11.07
CA VAL A 159 -4.19 6.26 -11.31
C VAL A 159 -4.46 6.10 -12.80
N CYS A 160 -4.13 7.14 -13.58
CA CYS A 160 -4.38 7.09 -15.03
C CYS A 160 -3.68 5.89 -15.66
N ARG A 161 -2.43 5.64 -15.28
CA ARG A 161 -1.76 4.44 -15.78
C ARG A 161 -2.57 3.19 -15.43
N GLN A 162 -2.88 3.01 -14.14
CA GLN A 162 -3.59 1.81 -13.73
C GLN A 162 -4.90 1.64 -14.49
N LEU A 163 -5.61 2.75 -14.79
CA LEU A 163 -6.88 2.70 -15.50
C LEU A 163 -6.74 2.68 -17.01
N GLY A 164 -5.53 2.73 -17.54
CA GLY A 164 -5.36 2.71 -18.99
C GLY A 164 -5.84 3.94 -19.70
N LEU A 165 -5.81 5.10 -19.05
CA LEU A 165 -6.20 6.35 -19.68
C LEU A 165 -5.00 7.23 -19.99
N GLY A 166 -3.79 6.66 -20.12
CA GLY A 166 -2.63 7.47 -20.54
C GLY A 166 -1.96 8.20 -19.39
N PHE A 167 -1.70 9.48 -19.58
CA PHE A 167 -1.00 10.30 -18.60
C PHE A 167 -2.03 10.92 -17.66
N ALA A 168 -1.53 11.51 -16.57
CA ALA A 168 -2.30 12.48 -15.81
C ALA A 168 -2.22 13.82 -16.51
N SER A 169 -3.34 14.53 -16.54
CA SER A 169 -3.34 15.94 -16.92
C SER A 169 -3.49 16.87 -15.72
N ASN A 170 -4.25 16.45 -14.69
CA ASN A 170 -4.51 17.24 -13.49
C ASN A 170 -4.66 16.31 -12.31
N ALA A 171 -4.43 16.84 -11.12
CA ALA A 171 -4.90 16.18 -9.91
C ALA A 171 -5.68 17.19 -9.07
N PHE A 172 -6.68 16.69 -8.36
CA PHE A 172 -7.57 17.51 -7.54
C PHE A 172 -7.59 16.97 -6.12
N GLN A 173 -7.45 17.88 -5.13
CA GLN A 173 -7.41 17.53 -3.71
C GLN A 173 -8.80 17.47 -3.08
N GLU A 174 -9.66 18.39 -3.48
CA GLU A 174 -11.02 18.43 -3.02
C GLU A 174 -11.98 18.37 -4.19
N THR A 175 -12.84 17.36 -4.25
CA THR A 175 -13.85 17.29 -5.30
C THR A 175 -15.25 17.29 -4.67
N TRP A 176 -16.02 18.31 -4.92
CA TRP A 176 -17.38 18.36 -4.40
C TRP A 176 -18.41 18.38 -5.53
N TYR A 177 -17.93 18.73 -6.71
CA TYR A 177 -18.73 18.87 -7.90
C TYR A 177 -19.04 17.59 -8.68
N TRP A 178 -18.60 16.45 -8.16
CA TRP A 178 -18.79 15.19 -8.86
C TRP A 178 -19.73 14.21 -8.18
N HIS A 179 -20.80 13.93 -8.92
CA HIS A 179 -21.90 13.05 -8.54
C HIS A 179 -21.80 11.54 -8.51
N GLY A 180 -21.79 10.97 -9.71
CA GLY A 180 -21.67 9.55 -9.91
C GLY A 180 -22.69 8.67 -9.25
N ASP A 181 -22.34 7.40 -9.14
CA ASP A 181 -23.19 6.40 -8.53
C ASP A 181 -22.93 6.32 -7.04
N VAL A 182 -23.87 5.74 -6.33
CA VAL A 182 -23.80 5.62 -4.89
C VAL A 182 -22.48 5.14 -4.32
N ASN A 183 -22.04 5.88 -3.30
CA ASN A 183 -20.81 5.64 -2.58
C ASN A 183 -21.16 5.34 -1.14
N SER A 184 -20.27 5.72 -0.24
CA SER A 184 -20.45 5.53 1.16
C SER A 184 -20.08 6.84 1.82
N ASN A 185 -19.64 7.82 1.02
CA ASN A 185 -19.24 9.10 1.58
C ASN A 185 -18.33 8.90 2.76
N LYS A 186 -17.22 8.23 2.53
CA LYS A 186 -16.31 7.96 3.61
C LYS A 186 -14.93 7.76 3.06
N VAL A 187 -13.97 8.51 3.54
CA VAL A 187 -12.60 8.27 3.08
C VAL A 187 -12.17 6.88 3.50
N VAL A 188 -11.46 6.22 2.59
CA VAL A 188 -11.18 4.80 2.70
C VAL A 188 -9.72 4.47 2.45
N MET A 189 -8.98 5.36 1.80
CA MET A 189 -7.54 5.36 1.65
C MET A 189 -7.05 6.75 1.98
N SER A 190 -5.83 6.89 2.50
CA SER A 190 -5.36 8.24 2.81
C SER A 190 -3.85 8.27 2.81
N GLY A 191 -3.29 9.47 2.99
CA GLY A 191 -1.85 9.70 3.04
C GLY A 191 -1.06 9.18 1.85
N VAL A 192 -1.71 8.95 0.71
CA VAL A 192 -1.05 8.33 -0.45
C VAL A 192 0.07 9.22 -0.99
N LYS A 193 1.26 8.62 -1.16
CA LYS A 193 2.31 9.24 -1.95
C LYS A 193 2.93 8.20 -2.89
N CYS A 194 3.01 8.55 -4.16
CA CYS A 194 3.57 7.65 -5.16
C CYS A 194 4.95 8.13 -5.59
N SER A 195 5.82 7.16 -5.92
CA SER A 195 7.08 7.51 -6.57
C SER A 195 6.83 7.95 -7.99
N GLY A 196 5.99 7.23 -8.72
CA GLY A 196 5.61 7.57 -10.08
C GLY A 196 5.51 6.31 -10.91
N THR A 197 6.29 5.31 -10.51
CA THR A 197 6.48 4.09 -11.28
C THR A 197 5.52 2.97 -10.91
N GLU A 198 4.81 3.11 -9.78
CA GLU A 198 3.89 2.09 -9.30
C GLU A 198 2.90 1.71 -10.37
N LEU A 199 2.39 0.48 -10.31
CA LEU A 199 1.45 -0.03 -11.30
C LEU A 199 0.02 -0.03 -10.80
N SER A 200 -0.22 0.50 -9.61
CA SER A 200 -1.57 0.60 -9.09
C SER A 200 -1.49 1.44 -7.84
N LEU A 201 -2.45 2.34 -7.69
CA LEU A 201 -2.47 3.27 -6.58
C LEU A 201 -2.12 2.59 -5.25
N ALA A 202 -2.62 1.36 -5.02
CA ALA A 202 -2.40 0.71 -3.74
C ALA A 202 -0.92 0.39 -3.49
N HIS A 203 -0.09 0.29 -4.53
CA HIS A 203 1.32 -0.07 -4.38
C HIS A 203 2.19 1.12 -4.03
N CYS A 204 1.61 2.33 -3.96
CA CYS A 204 2.34 3.45 -3.42
C CYS A 204 2.35 3.36 -1.89
N ARG A 205 3.13 4.23 -1.27
CA ARG A 205 3.06 4.34 0.15
C ARG A 205 1.71 4.95 0.46
N HIS A 206 1.01 4.32 1.38
CA HIS A 206 -0.17 4.90 1.97
C HIS A 206 -0.27 4.22 3.30
N ASP A 207 -0.94 4.86 4.23
CA ASP A 207 -1.21 4.21 5.50
C ASP A 207 -2.26 3.21 5.08
N GLY A 208 -2.52 2.24 5.91
CA GLY A 208 -3.38 1.15 5.50
C GLY A 208 -4.80 1.53 5.83
N GLU A 209 -5.51 0.63 6.49
CA GLU A 209 -6.92 0.85 6.73
C GLU A 209 -7.09 1.79 7.91
N ASP A 210 -5.96 2.23 8.48
CA ASP A 210 -5.92 3.34 9.44
C ASP A 210 -5.79 4.69 8.74
N VAL A 211 -6.92 5.24 8.28
CA VAL A 211 -7.01 6.22 7.19
C VAL A 211 -7.23 7.59 7.83
N ALA A 212 -6.15 8.18 8.29
CA ALA A 212 -6.20 9.53 8.86
C ALA A 212 -6.46 10.53 7.75
N CYS A 213 -7.67 11.04 7.67
CA CYS A 213 -7.86 12.15 6.76
C CYS A 213 -8.19 13.39 7.57
N PRO A 214 -7.81 14.58 7.10
CA PRO A 214 -8.23 15.81 7.78
C PRO A 214 -9.72 16.02 7.67
N GLN A 215 -10.20 17.00 8.41
CA GLN A 215 -11.59 17.33 8.39
C GLN A 215 -11.68 18.63 7.63
N GLY A 216 -12.27 18.58 6.45
CA GLY A 216 -12.41 19.78 5.66
C GLY A 216 -12.93 19.48 4.28
N GLY A 217 -12.44 20.23 3.30
CA GLY A 217 -12.82 20.04 1.91
C GLY A 217 -12.07 18.91 1.23
N VAL A 218 -11.01 18.43 1.89
CA VAL A 218 -10.19 17.33 1.39
C VAL A 218 -10.77 15.95 1.72
N GLN A 219 -11.86 15.94 2.48
CA GLN A 219 -12.57 14.74 2.86
C GLN A 219 -13.58 14.30 1.78
N TYR A 220 -13.71 15.09 0.72
CA TYR A 220 -14.60 14.76 -0.39
C TYR A 220 -13.91 13.78 -1.30
N GLY A 221 -12.59 13.85 -1.37
CA GLY A 221 -11.82 12.94 -2.18
C GLY A 221 -11.09 13.49 -3.37
N ALA A 222 -9.97 12.89 -3.67
CA ALA A 222 -9.16 13.23 -4.82
C ALA A 222 -9.81 12.84 -6.13
N GLY A 223 -9.58 13.60 -7.20
CA GLY A 223 -9.99 13.20 -8.52
C GLY A 223 -8.79 13.40 -9.42
N VAL A 224 -8.87 12.84 -10.61
CA VAL A 224 -7.84 13.05 -11.60
C VAL A 224 -8.49 13.52 -12.88
N ALA A 225 -7.66 14.00 -13.79
CA ALA A 225 -7.99 14.11 -15.20
C ALA A 225 -6.83 13.51 -15.96
N CYS A 226 -7.15 12.62 -16.90
CA CYS A 226 -6.15 11.90 -17.67
C CYS A 226 -6.18 12.33 -19.13
N SER A 227 -5.02 12.24 -19.81
CA SER A 227 -4.96 12.46 -21.24
C SER A 227 -3.97 11.51 -21.90
N GLU A 228 -4.14 11.32 -23.20
CA GLU A 228 -3.27 10.41 -23.91
C GLU A 228 -1.98 11.10 -24.29
N THR A 229 -1.85 12.39 -24.00
CA THR A 229 -0.59 13.06 -24.28
C THR A 229 -0.20 13.93 -23.09
N ALA A 230 0.95 14.56 -23.18
CA ALA A 230 1.47 15.43 -22.12
C ALA A 230 2.72 16.10 -22.66
N PRO A 231 3.08 17.27 -22.11
CA PRO A 231 4.30 17.97 -22.55
C PRO A 231 5.50 17.34 -21.88
N ASP A 232 6.70 17.70 -22.35
CA ASP A 232 7.91 17.25 -21.68
C ASP A 232 8.97 18.33 -21.81
N LEU A 233 9.21 19.05 -20.71
CA LEU A 233 10.18 20.13 -20.65
C LEU A 233 11.59 19.62 -20.38
N VAL A 234 12.55 20.19 -21.09
CA VAL A 234 13.98 19.90 -20.92
C VAL A 234 14.71 21.21 -20.91
N LEU A 235 15.72 21.33 -20.07
CA LEU A 235 16.61 22.49 -20.16
C LEU A 235 17.69 22.20 -21.21
N ASN A 236 18.22 23.25 -21.86
CA ASN A 236 19.28 23.07 -22.89
C ASN A 236 20.64 23.24 -22.19
N ALA A 237 21.26 22.10 -21.87
CA ALA A 237 22.48 22.10 -21.07
C ALA A 237 23.66 22.72 -21.82
N GLU A 238 23.83 22.40 -23.11
CA GLU A 238 24.93 23.01 -23.86
C GLU A 238 24.91 24.51 -23.69
N MET A 239 23.70 25.09 -23.55
CA MET A 239 23.56 26.53 -23.61
C MET A 239 23.85 27.19 -22.27
N VAL A 240 23.47 26.59 -21.15
CA VAL A 240 23.88 27.28 -19.92
C VAL A 240 25.37 27.19 -19.83
N GLN A 241 25.95 26.17 -20.46
CA GLN A 241 27.40 26.07 -20.58
C GLN A 241 27.99 27.22 -21.40
N GLN A 242 27.44 27.46 -22.61
CA GLN A 242 28.01 28.49 -23.49
C GLN A 242 27.77 29.91 -22.97
N THR A 243 26.70 30.12 -22.17
CA THR A 243 26.24 31.47 -21.86
C THR A 243 26.58 31.94 -20.44
N THR A 244 27.44 31.24 -19.71
CA THR A 244 27.68 31.57 -18.29
C THR A 244 28.82 32.58 -18.16
N TYR A 245 28.58 33.64 -17.38
CA TYR A 245 29.66 34.56 -17.00
C TYR A 245 29.33 35.18 -15.66
N LEU A 246 30.31 35.86 -15.08
CA LEU A 246 30.09 36.70 -13.90
C LEU A 246 29.94 38.14 -14.33
N GLU A 247 29.07 38.84 -13.63
CA GLU A 247 28.98 40.29 -13.69
C GLU A 247 28.89 40.80 -12.26
N ASP A 248 29.66 41.83 -11.89
CA ASP A 248 29.34 42.57 -10.67
C ASP A 248 28.61 43.83 -11.10
N ARG A 249 27.33 43.91 -10.70
CA ARG A 249 26.40 44.91 -11.15
C ARG A 249 26.26 45.95 -10.08
N PRO A 250 26.53 47.22 -10.38
CA PRO A 250 26.27 48.26 -9.38
C PRO A 250 24.85 48.11 -8.91
N MET A 251 24.57 48.39 -7.62
CA MET A 251 23.18 48.31 -7.16
C MET A 251 22.28 49.32 -7.84
N PHE A 252 22.80 50.34 -8.49
CA PHE A 252 21.82 51.34 -8.89
C PHE A 252 21.02 50.89 -10.10
N LEU A 253 21.49 49.82 -10.75
CA LEU A 253 20.79 49.19 -11.88
C LEU A 253 19.92 47.99 -11.48
N LEU A 254 20.01 47.57 -10.21
CA LEU A 254 19.27 46.43 -9.71
C LEU A 254 18.08 46.87 -8.87
N GLN A 255 17.66 48.12 -9.01
CA GLN A 255 16.53 48.58 -8.23
C GLN A 255 15.31 47.70 -8.51
N CYS A 256 14.90 47.58 -9.79
CA CYS A 256 13.85 46.64 -10.15
C CYS A 256 14.11 45.24 -9.61
N ALA A 257 15.31 44.70 -9.87
CA ALA A 257 15.57 43.32 -9.49
C ALA A 257 15.42 43.12 -7.99
N MET A 258 15.86 44.10 -7.20
CA MET A 258 15.69 44.02 -5.75
C MET A 258 14.23 43.82 -5.37
N GLU A 259 13.37 44.72 -5.84
CA GLU A 259 11.96 44.68 -5.43
C GLU A 259 11.28 43.41 -5.91
N GLU A 260 11.66 42.91 -7.09
CA GLU A 260 11.11 41.64 -7.57
C GLU A 260 11.82 40.44 -6.96
N ASN A 261 12.60 40.67 -5.91
CA ASN A 261 13.17 39.60 -5.10
C ASN A 261 14.14 38.70 -5.86
N CYS A 262 14.96 39.29 -6.73
CA CYS A 262 15.89 38.49 -7.51
C CYS A 262 17.30 38.46 -6.93
N LEU A 263 17.52 39.05 -5.76
CA LEU A 263 18.81 39.09 -5.10
C LEU A 263 18.79 38.27 -3.82
N SER A 264 19.97 37.83 -3.38
CA SER A 264 20.07 37.16 -2.09
C SER A 264 19.95 38.21 -0.98
N ALA A 265 19.86 37.72 0.27
CA ALA A 265 19.37 38.57 1.37
C ALA A 265 20.36 39.66 1.74
N SER A 266 21.66 39.39 1.60
CA SER A 266 22.66 40.41 1.91
C SER A 266 22.44 41.69 1.12
N ALA A 267 21.73 41.60 -0.01
CA ALA A 267 21.47 42.79 -0.81
C ALA A 267 20.69 43.87 -0.04
N ALA A 268 19.93 43.49 0.98
CA ALA A 268 19.18 44.50 1.73
C ALA A 268 20.10 45.61 2.20
N GLN A 269 21.15 45.22 2.90
CA GLN A 269 22.25 46.10 3.25
C GLN A 269 23.39 46.05 2.26
N THR A 270 23.20 46.61 1.08
CA THR A 270 24.29 46.77 0.13
C THR A 270 24.04 48.18 -0.28
N ASP A 271 25.08 48.89 -0.67
CA ASP A 271 24.94 50.33 -0.86
C ASP A 271 24.39 50.61 -2.25
N PRO A 272 23.14 51.26 -2.24
CA PRO A 272 22.58 51.46 -3.58
C PRO A 272 23.43 52.26 -4.53
N THR A 273 23.97 53.36 -4.05
CA THR A 273 24.83 54.21 -4.82
C THR A 273 26.20 53.64 -5.16
N THR A 274 26.80 52.92 -4.23
CA THR A 274 28.18 52.48 -4.42
C THR A 274 28.44 50.98 -4.52
N GLY A 275 27.40 50.16 -4.49
CA GLY A 275 27.57 48.75 -4.22
C GLY A 275 27.48 47.80 -5.42
N TYR A 276 28.05 46.59 -5.21
CA TYR A 276 28.05 45.44 -6.12
C TYR A 276 26.96 44.45 -5.77
N ARG A 277 26.45 43.75 -6.76
CA ARG A 277 26.12 42.34 -6.56
C ARG A 277 26.93 41.55 -7.57
N ARG A 278 27.51 40.42 -7.15
CA ARG A 278 28.14 39.50 -8.08
C ARG A 278 27.12 38.46 -8.56
N LEU A 279 26.90 38.43 -9.83
CA LEU A 279 25.77 37.77 -10.41
C LEU A 279 26.33 36.75 -11.38
N LEU A 280 25.98 35.49 -11.18
CA LEU A 280 26.40 34.42 -12.07
C LEU A 280 25.29 34.34 -13.09
N ARG A 281 25.49 34.96 -14.25
CA ARG A 281 24.48 34.98 -15.29
C ARG A 281 24.65 33.80 -16.26
N PHE A 282 23.57 33.52 -17.01
CA PHE A 282 23.42 32.35 -17.90
C PHE A 282 22.06 32.41 -18.59
N SER A 283 21.89 31.58 -19.63
CA SER A 283 20.63 31.51 -20.36
C SER A 283 19.90 30.18 -20.11
N SER A 284 18.62 30.28 -19.85
CA SER A 284 17.75 29.11 -19.65
C SER A 284 16.90 28.96 -20.91
N GLN A 285 17.25 28.00 -21.74
CA GLN A 285 16.44 27.70 -22.91
C GLN A 285 15.74 26.38 -22.65
N ILE A 286 14.43 26.46 -22.30
CA ILE A 286 13.60 25.32 -21.96
C ILE A 286 12.85 24.84 -23.20
N HIS A 287 13.05 23.58 -23.57
CA HIS A 287 12.34 22.96 -24.70
C HIS A 287 11.04 22.26 -24.28
N ASN A 288 10.05 22.26 -25.16
CA ASN A 288 8.91 21.35 -25.01
C ASN A 288 9.07 20.18 -25.98
N ASN A 289 9.56 19.07 -25.45
CA ASN A 289 9.91 17.89 -26.25
C ASN A 289 8.89 16.75 -26.13
N GLY A 290 7.75 16.98 -25.49
CA GLY A 290 6.76 15.95 -25.20
C GLY A 290 5.77 15.78 -26.32
N GLN A 291 4.53 15.46 -25.96
CA GLN A 291 3.52 15.09 -26.93
C GLN A 291 2.39 16.11 -27.03
N SER A 292 2.30 17.06 -26.12
CA SER A 292 1.39 18.16 -26.30
C SER A 292 2.07 19.42 -25.82
N ASP A 293 1.35 20.52 -25.94
CA ASP A 293 1.79 21.82 -25.46
C ASP A 293 1.94 21.83 -23.95
N PHE A 294 2.88 22.63 -23.46
CA PHE A 294 2.95 22.93 -22.03
C PHE A 294 2.14 24.18 -21.76
N ARG A 295 1.32 24.13 -20.74
CA ARG A 295 0.44 25.25 -20.42
C ARG A 295 0.49 25.53 -18.93
N PRO A 296 0.36 26.78 -18.53
CA PRO A 296 0.29 27.09 -17.10
C PRO A 296 -0.95 26.45 -16.47
N LYS A 297 -0.84 26.16 -15.17
CA LYS A 297 -1.96 25.56 -14.45
C LYS A 297 -3.17 26.50 -14.38
N ASN A 298 -2.92 27.75 -14.11
CA ASN A 298 -3.98 28.73 -14.01
C ASN A 298 -4.22 29.58 -15.25
N GLY A 299 -5.38 30.23 -15.25
CA GLY A 299 -5.75 31.21 -16.24
C GLY A 299 -5.21 32.57 -15.86
N ARG A 300 -5.59 33.57 -16.62
CA ARG A 300 -5.01 34.89 -16.57
C ARG A 300 -5.09 35.54 -15.19
N HIS A 301 -6.15 35.27 -14.46
CA HIS A 301 -6.41 35.89 -13.15
C HIS A 301 -5.29 35.66 -12.16
N ALA A 302 -4.61 34.53 -12.27
CA ALA A 302 -3.51 34.17 -11.38
C ALA A 302 -2.14 34.66 -11.84
N TRP A 303 -2.01 35.07 -13.10
CA TRP A 303 -0.71 35.51 -13.59
C TRP A 303 -0.34 36.85 -12.94
N ILE A 304 0.96 37.07 -12.77
CA ILE A 304 1.47 38.20 -11.98
C ILE A 304 2.44 39.02 -12.82
N TRP A 305 2.22 40.32 -12.87
CA TRP A 305 3.03 41.19 -13.71
C TRP A 305 4.45 41.23 -13.17
N HIS A 306 5.42 40.97 -14.04
CA HIS A 306 6.84 41.06 -13.67
C HIS A 306 7.32 42.44 -14.05
N ASP A 307 7.69 43.23 -13.03
CA ASP A 307 8.01 44.64 -13.28
C ASP A 307 9.25 44.77 -14.15
N CYS A 308 10.29 43.97 -13.87
CA CYS A 308 11.53 44.06 -14.65
C CYS A 308 11.31 43.68 -16.11
N HIS A 309 10.67 42.51 -16.36
CA HIS A 309 10.51 42.05 -17.74
C HIS A 309 9.39 42.74 -18.48
N ARG A 310 8.43 43.32 -17.76
CA ARG A 310 7.29 44.02 -18.36
C ARG A 310 6.44 43.06 -19.20
N HIS A 311 6.19 41.88 -18.64
CA HIS A 311 5.16 40.99 -19.14
C HIS A 311 4.65 40.14 -17.99
N TYR A 312 3.51 39.49 -18.23
CA TYR A 312 2.90 38.68 -17.21
C TYR A 312 3.62 37.35 -17.07
N HIS A 313 3.64 36.82 -15.86
CA HIS A 313 4.32 35.56 -15.56
C HIS A 313 3.29 34.56 -15.10
N SER A 314 3.01 33.53 -15.95
CA SER A 314 1.96 32.56 -15.70
C SER A 314 2.41 31.41 -14.81
N MET A 315 3.71 31.28 -14.53
CA MET A 315 4.17 30.27 -13.59
C MET A 315 5.09 30.94 -12.56
N GLU A 316 4.61 31.04 -11.32
CA GLU A 316 5.30 31.79 -10.28
C GLU A 316 6.58 31.08 -9.81
N VAL A 317 6.65 29.76 -9.94
CA VAL A 317 7.86 29.03 -9.57
C VAL A 317 8.19 28.04 -10.68
N PHE A 318 8.70 28.58 -11.79
CA PHE A 318 9.07 27.74 -12.92
C PHE A 318 10.40 27.03 -12.72
N THR A 319 11.35 27.63 -12.00
CA THR A 319 12.67 27.01 -11.88
C THR A 319 13.23 27.21 -10.48
N HIS A 320 14.06 26.25 -10.06
CA HIS A 320 15.02 26.43 -8.99
C HIS A 320 16.42 26.64 -9.58
N TYR A 321 17.05 27.74 -9.18
CA TYR A 321 18.40 28.09 -9.58
C TYR A 321 19.22 27.98 -8.32
N ASP A 322 20.27 27.14 -8.33
CA ASP A 322 21.08 26.98 -7.14
C ASP A 322 22.53 26.71 -7.49
N LEU A 323 23.40 27.19 -6.60
CA LEU A 323 24.79 26.74 -6.53
C LEU A 323 24.98 25.98 -5.21
N LEU A 324 25.63 24.82 -5.27
CA LEU A 324 25.61 23.86 -4.18
C LEU A 324 27.00 23.39 -3.83
N ASN A 325 27.21 23.08 -2.55
CA ASN A 325 28.41 22.37 -2.14
C ASN A 325 28.39 21.02 -2.85
N LEU A 326 29.53 20.35 -2.89
CA LEU A 326 29.61 19.09 -3.62
C LEU A 326 28.83 17.98 -2.93
N ASN A 327 28.62 18.12 -1.62
CA ASN A 327 27.79 17.20 -0.88
C ASN A 327 26.31 17.35 -1.24
N GLY A 328 25.93 18.54 -1.72
CA GLY A 328 24.55 18.78 -2.09
C GLY A 328 23.79 19.80 -1.28
N THR A 329 24.41 20.44 -0.29
CA THR A 329 23.73 21.49 0.45
C THR A 329 24.08 22.84 -0.15
N LYS A 330 23.09 23.73 -0.19
CA LYS A 330 23.24 24.98 -0.91
C LYS A 330 24.39 25.80 -0.32
N VAL A 331 25.21 26.36 -1.20
CA VAL A 331 26.29 27.26 -0.79
C VAL A 331 25.86 28.69 -1.09
N ALA A 332 25.10 28.85 -2.18
CA ALA A 332 24.39 30.09 -2.42
C ALA A 332 22.99 29.98 -1.83
N GLU A 333 22.30 31.11 -1.81
CA GLU A 333 20.90 31.10 -1.39
C GLU A 333 19.99 30.66 -2.53
N GLY A 334 20.40 30.91 -3.77
CA GLY A 334 19.65 30.44 -4.91
C GLY A 334 18.34 31.19 -5.07
N HIS A 335 17.59 30.83 -6.13
CA HIS A 335 16.38 31.55 -6.48
C HIS A 335 15.33 30.62 -7.08
N LYS A 336 14.10 31.09 -7.01
CA LYS A 336 12.90 30.45 -7.52
C LYS A 336 12.35 31.41 -8.59
N ALA A 337 12.84 31.30 -9.80
CA ALA A 337 12.36 32.24 -10.79
C ALA A 337 10.89 31.97 -11.19
N SER A 338 10.26 33.01 -11.74
CA SER A 338 8.94 32.94 -12.34
C SER A 338 9.09 33.30 -13.81
N PHE A 339 8.15 32.83 -14.63
CA PHE A 339 8.42 32.76 -16.05
C PHE A 339 7.20 33.16 -16.85
N CYS A 340 7.41 34.00 -17.84
CA CYS A 340 6.55 34.08 -19.02
C CYS A 340 6.79 32.83 -19.85
N LEU A 341 5.72 32.16 -20.31
CA LEU A 341 5.76 30.89 -21.02
C LEU A 341 5.30 31.07 -22.46
N GLU A 342 6.23 31.14 -23.41
CA GLU A 342 5.92 31.43 -24.81
C GLU A 342 6.89 30.69 -25.74
N ASP A 343 6.61 30.75 -27.05
CA ASP A 343 7.41 30.03 -28.03
C ASP A 343 8.38 31.02 -28.65
N THR A 344 9.64 30.97 -28.26
CA THR A 344 10.46 32.01 -28.86
C THR A 344 11.04 31.56 -30.19
N GLU A 345 11.35 30.27 -30.32
CA GLU A 345 11.72 29.69 -31.59
C GLU A 345 11.26 28.23 -31.62
N CYS A 346 10.96 27.71 -32.81
CA CYS A 346 10.51 26.33 -32.94
C CYS A 346 11.43 25.55 -33.85
N GLU A 347 11.31 24.24 -33.76
CA GLU A 347 12.17 23.37 -34.55
C GLU A 347 11.64 23.26 -35.96
N GLY A 348 12.56 23.02 -36.89
CA GLY A 348 12.18 22.85 -38.29
C GLY A 348 11.22 23.91 -38.78
N ASP A 349 10.09 23.44 -39.26
CA ASP A 349 9.06 24.25 -39.87
C ASP A 349 7.86 24.46 -38.95
N ILE A 350 7.95 24.02 -37.67
CA ILE A 350 6.89 24.27 -36.68
C ILE A 350 6.61 25.77 -36.57
N GLN A 351 5.37 26.09 -36.22
CA GLN A 351 4.90 27.48 -36.18
C GLN A 351 4.80 27.96 -34.75
N LYS A 352 5.56 29.03 -34.42
CA LYS A 352 5.41 29.69 -33.12
C LYS A 352 3.95 30.05 -32.86
N ASN A 353 3.49 29.82 -31.63
CA ASN A 353 2.11 30.16 -31.24
C ASN A 353 2.02 31.08 -30.03
N TYR A 354 2.38 30.63 -28.85
CA TYR A 354 2.13 31.40 -27.63
C TYR A 354 3.03 32.63 -27.54
N GLU A 355 2.50 33.72 -26.97
CA GLU A 355 3.18 35.01 -26.88
C GLU A 355 2.69 35.77 -25.65
N CYS A 356 3.63 36.33 -24.87
CA CYS A 356 3.30 36.99 -23.61
C CYS A 356 2.82 38.44 -23.78
N ALA A 357 3.36 39.13 -24.78
CA ALA A 357 3.25 40.56 -25.07
C ALA A 357 1.97 41.27 -24.68
N ASN A 358 0.81 40.83 -25.16
CA ASN A 358 -0.37 41.64 -24.88
C ASN A 358 -1.36 40.86 -24.04
N PHE A 359 -0.92 40.45 -22.85
CA PHE A 359 -1.66 39.49 -22.04
C PHE A 359 -1.99 38.25 -22.86
N GLY A 360 -1.10 37.92 -23.80
CA GLY A 360 -1.34 36.78 -24.66
C GLY A 360 -1.37 35.48 -23.86
N ASP A 361 -2.05 34.50 -24.44
CA ASP A 361 -2.03 33.14 -23.95
C ASP A 361 -0.61 32.66 -23.79
N GLN A 362 -0.35 31.93 -22.71
CA GLN A 362 1.00 31.49 -22.41
C GLN A 362 1.10 29.98 -22.44
N GLY A 363 2.29 29.49 -22.74
CA GLY A 363 2.52 28.09 -22.97
C GLY A 363 3.71 27.93 -23.88
N ILE A 364 4.20 26.69 -23.97
CA ILE A 364 5.28 26.33 -24.88
C ILE A 364 4.79 25.22 -25.82
N THR A 365 4.78 25.49 -27.12
CA THR A 365 4.32 24.50 -28.06
C THR A 365 5.28 23.33 -28.13
N MET A 366 4.72 22.15 -28.35
CA MET A 366 5.42 20.96 -28.82
C MET A 366 6.41 21.37 -29.90
N GLY A 367 7.69 21.20 -29.64
CA GLY A 367 8.65 21.39 -30.69
C GLY A 367 9.33 22.70 -30.59
N CYS A 368 8.92 23.53 -29.65
CA CYS A 368 9.51 24.84 -29.53
C CYS A 368 10.20 24.87 -28.19
N TRP A 369 10.82 26.02 -27.95
CA TRP A 369 11.50 26.30 -26.73
C TRP A 369 11.21 27.72 -26.37
N ASP A 370 11.47 28.01 -25.11
CA ASP A 370 11.26 29.32 -24.51
C ASP A 370 12.60 29.71 -23.91
N MET A 371 13.18 30.76 -24.41
CA MET A 371 14.53 31.14 -24.01
C MET A 371 14.49 32.41 -23.13
N TYR A 372 15.04 32.29 -21.94
CA TYR A 372 15.21 33.42 -21.03
C TYR A 372 16.69 33.74 -21.01
N ARG A 373 17.09 34.73 -21.78
CA ARG A 373 18.49 34.98 -22.05
C ARG A 373 19.25 35.48 -20.83
N HIS A 374 20.57 35.35 -20.94
CA HIS A 374 21.48 35.72 -19.87
C HIS A 374 21.41 37.19 -19.49
N ASP A 375 21.03 38.08 -20.41
CA ASP A 375 21.09 39.50 -20.07
C ASP A 375 19.79 40.01 -19.45
N ILE A 376 18.71 39.26 -19.59
CA ILE A 376 17.44 39.57 -18.95
C ILE A 376 17.61 39.56 -17.42
N ASP A 377 16.85 40.40 -16.75
CA ASP A 377 16.91 40.44 -15.29
C ASP A 377 16.47 39.10 -14.70
N CYS A 378 17.11 38.73 -13.60
CA CYS A 378 16.87 37.51 -12.80
C CYS A 378 17.42 36.23 -13.44
N GLN A 379 18.07 36.27 -14.60
CA GLN A 379 18.75 35.08 -15.03
C GLN A 379 20.12 35.04 -14.40
N TRP A 380 20.14 34.66 -13.12
CA TRP A 380 21.43 34.51 -12.43
C TRP A 380 21.17 33.74 -11.15
N VAL A 381 22.27 33.35 -10.50
CA VAL A 381 22.33 33.19 -9.05
C VAL A 381 23.19 34.34 -8.51
N ASP A 382 22.64 35.12 -7.58
CA ASP A 382 23.46 36.06 -6.84
C ASP A 382 24.54 35.33 -6.04
N ILE A 383 25.79 35.76 -6.17
CA ILE A 383 26.89 34.94 -5.66
C ILE A 383 27.81 35.84 -4.85
N THR A 384 27.28 37.02 -4.47
CA THR A 384 28.11 38.00 -3.78
C THR A 384 28.78 37.40 -2.56
N ASP A 385 28.03 36.59 -1.81
CA ASP A 385 28.42 36.04 -0.50
C ASP A 385 29.25 34.78 -0.57
N VAL A 386 29.55 34.26 -1.76
CA VAL A 386 30.05 32.91 -1.95
C VAL A 386 31.57 32.96 -2.09
N PRO A 387 32.31 32.17 -1.32
CA PRO A 387 33.78 32.17 -1.44
C PRO A 387 34.23 31.30 -2.59
N PRO A 388 35.47 31.52 -3.06
CA PRO A 388 36.01 30.66 -4.13
C PRO A 388 36.08 29.21 -3.68
N GLY A 389 35.93 28.32 -4.64
CA GLY A 389 35.72 26.92 -4.31
C GLY A 389 35.15 26.16 -5.48
N ASP A 390 34.80 24.89 -5.21
CA ASP A 390 34.49 23.85 -6.20
C ASP A 390 33.04 23.37 -5.99
N TYR A 391 32.10 23.85 -6.80
CA TYR A 391 30.68 23.70 -6.50
C TYR A 391 29.92 22.98 -7.62
N LEU A 392 28.63 22.72 -7.35
CA LEU A 392 27.70 22.15 -8.31
C LEU A 392 26.61 23.17 -8.59
N PHE A 393 26.41 23.49 -9.87
CA PHE A 393 25.33 24.35 -10.30
C PHE A 393 24.16 23.48 -10.77
N GLN A 394 22.96 23.85 -10.35
CA GLN A 394 21.83 22.99 -10.60
C GLN A 394 20.66 23.86 -11.01
N VAL A 395 19.87 23.35 -11.93
CA VAL A 395 18.67 24.02 -12.37
C VAL A 395 17.59 22.98 -12.50
N VAL A 396 16.49 23.19 -11.80
CA VAL A 396 15.35 22.31 -11.84
C VAL A 396 14.21 23.04 -12.53
N ILE A 397 13.58 22.38 -13.52
CA ILE A 397 12.44 22.92 -14.26
C ILE A 397 11.17 22.30 -13.69
N ASN A 398 10.10 23.12 -13.52
CA ASN A 398 8.84 22.55 -13.03
C ASN A 398 9.05 21.80 -11.73
N PRO A 399 9.69 22.42 -10.72
CA PRO A 399 10.31 21.61 -9.66
C PRO A 399 9.31 21.02 -8.69
N ASN A 400 8.13 21.60 -8.57
CA ASN A 400 7.11 21.04 -7.70
C ASN A 400 6.06 20.23 -8.45
N PHE A 401 6.37 19.77 -9.66
CA PHE A 401 5.52 18.80 -10.34
C PHE A 401 4.13 19.36 -10.49
N GLU A 402 4.11 20.68 -10.69
CA GLU A 402 2.88 21.49 -10.70
C GLU A 402 2.09 21.31 -11.99
N VAL A 403 2.78 21.08 -13.10
CA VAL A 403 2.12 20.83 -14.38
C VAL A 403 2.59 19.47 -14.90
N ALA A 404 1.62 18.68 -15.40
CA ALA A 404 1.87 17.33 -15.89
C ALA A 404 2.89 17.26 -17.03
N GLU A 405 3.81 16.29 -16.94
CA GLU A 405 4.74 16.02 -18.02
C GLU A 405 4.86 14.50 -18.22
N SER A 406 5.37 14.12 -19.40
CA SER A 406 5.61 12.73 -19.71
C SER A 406 6.89 12.17 -19.10
N ASP A 407 7.70 13.02 -18.48
CA ASP A 407 9.01 12.66 -17.97
C ASP A 407 9.50 13.79 -17.04
N TYR A 408 9.72 13.46 -15.78
CA TYR A 408 10.31 14.37 -14.82
C TYR A 408 11.76 14.05 -14.53
N SER A 409 12.23 12.87 -14.93
CA SER A 409 13.63 12.46 -14.79
C SER A 409 14.50 13.30 -15.68
N ASN A 410 13.96 14.19 -16.45
CA ASN A 410 14.86 15.04 -17.18
C ASN A 410 14.79 16.53 -16.84
N ASN A 411 14.10 16.88 -15.77
CA ASN A 411 13.88 18.30 -15.45
C ASN A 411 14.97 18.93 -14.60
N ILE A 412 16.07 18.23 -14.37
CA ILE A 412 17.19 18.67 -13.56
C ILE A 412 18.42 18.81 -14.45
N MET A 413 19.24 19.81 -14.16
CA MET A 413 20.44 20.05 -14.93
C MET A 413 21.51 20.37 -13.92
N LYS A 414 22.69 19.81 -14.11
CA LYS A 414 23.81 20.13 -13.23
C LYS A 414 25.07 20.33 -14.06
N CYS A 415 25.88 21.27 -13.59
CA CYS A 415 27.21 21.56 -14.10
C CYS A 415 28.14 21.51 -12.92
N ARG A 416 29.39 21.11 -13.17
CA ARG A 416 30.46 21.31 -12.20
C ARG A 416 30.96 22.73 -12.40
N SER A 417 31.21 23.43 -11.29
CA SER A 417 31.54 24.86 -11.31
C SER A 417 32.79 25.15 -10.50
N ARG A 418 33.85 25.62 -11.14
CA ARG A 418 35.05 26.01 -10.41
C ARG A 418 35.12 27.53 -10.34
N TYR A 419 35.02 28.09 -9.13
CA TYR A 419 34.95 29.53 -8.95
C TYR A 419 36.24 30.06 -8.32
N ASP A 420 36.96 30.88 -9.09
CA ASP A 420 38.26 31.50 -8.78
C ASP A 420 38.21 32.54 -7.68
N GLY A 421 37.03 33.13 -7.57
CA GLY A 421 36.76 34.39 -6.96
C GLY A 421 36.82 35.45 -8.03
N HIS A 422 37.41 35.14 -9.19
CA HIS A 422 37.59 36.15 -10.22
C HIS A 422 36.85 35.82 -11.52
N ARG A 423 36.66 34.54 -11.78
CA ARG A 423 35.98 34.08 -12.98
C ARG A 423 35.36 32.76 -12.61
N ILE A 424 34.49 32.21 -13.44
CA ILE A 424 33.99 30.86 -13.19
C ILE A 424 34.04 29.96 -14.42
N TRP A 425 34.40 28.70 -14.20
CA TRP A 425 34.35 27.70 -15.26
C TRP A 425 33.20 26.76 -14.97
N MET A 426 32.27 26.66 -15.93
CA MET A 426 31.17 25.69 -15.88
C MET A 426 31.53 24.59 -16.86
N TYR A 427 31.64 23.36 -16.37
CA TYR A 427 31.89 22.26 -17.27
C TYR A 427 31.03 21.07 -16.88
N ASN A 428 31.10 20.03 -17.73
CA ASN A 428 30.33 18.80 -17.56
C ASN A 428 28.84 19.10 -17.32
N CYS A 429 28.30 20.11 -18.01
CA CYS A 429 26.90 20.47 -17.86
C CYS A 429 26.05 19.38 -18.51
N HIS A 430 24.99 18.94 -17.82
CA HIS A 430 24.23 17.85 -18.40
C HIS A 430 22.92 17.66 -17.68
N ILE A 431 21.98 17.06 -18.41
CA ILE A 431 20.67 16.68 -17.91
C ILE A 431 20.81 15.40 -17.09
N GLY A 432 20.44 15.48 -15.82
CA GLY A 432 20.46 14.31 -14.95
C GLY A 432 19.76 13.12 -15.57
N GLY A 433 20.43 11.97 -15.55
CA GLY A 433 19.89 10.74 -16.08
C GLY A 433 20.20 10.50 -17.53
N SER A 434 21.07 11.34 -18.06
CA SER A 434 21.61 11.24 -19.42
C SER A 434 22.98 10.57 -19.45
N PHE A 435 23.53 10.28 -18.28
CA PHE A 435 24.78 9.56 -18.14
C PHE A 435 24.47 8.18 -17.57
N SER A 436 25.47 7.32 -17.62
CA SER A 436 25.36 6.01 -16.97
C SER A 436 25.55 6.22 -15.48
N GLU A 437 25.02 5.33 -14.66
CA GLU A 437 25.13 5.48 -13.22
C GLU A 437 26.58 5.60 -12.73
N GLU A 438 27.46 4.79 -13.27
CA GLU A 438 28.86 4.87 -12.88
C GLU A 438 29.40 6.24 -13.27
N THR A 439 29.09 6.68 -14.48
CA THR A 439 29.54 7.98 -14.93
C THR A 439 28.87 9.09 -14.14
N GLU A 440 27.62 8.90 -13.74
CA GLU A 440 27.02 9.95 -12.92
C GLU A 440 27.77 10.08 -11.59
N LYS A 441 28.42 9.00 -11.15
CA LYS A 441 29.25 9.04 -9.93
C LYS A 441 30.48 9.90 -10.13
N LYS A 442 31.24 9.66 -11.21
CA LYS A 442 32.52 10.32 -11.43
C LYS A 442 32.40 11.83 -11.53
N PHE A 443 31.19 12.36 -11.73
CA PHE A 443 30.97 13.79 -11.91
C PHE A 443 30.90 14.52 -10.57
N GLU A 444 30.75 13.81 -9.46
CA GLU A 444 30.79 14.38 -8.11
C GLU A 444 32.11 14.10 -7.38
N HIS A 445 33.05 13.37 -7.99
CA HIS A 445 34.31 12.99 -7.35
C HIS A 445 35.49 13.28 -8.28
N PRO B 4 -23.52 4.57 14.29
CA PRO B 4 -23.98 4.97 12.97
C PRO B 4 -24.81 3.89 12.28
N GLU B 5 -26.10 3.82 12.62
CA GLU B 5 -27.01 2.84 12.02
C GLU B 5 -26.39 1.45 12.01
N GLN B 6 -26.25 0.86 13.18
CA GLN B 6 -25.68 -0.47 13.32
C GLN B 6 -26.23 -1.57 12.43
N PRO B 7 -25.36 -2.47 12.00
CA PRO B 7 -25.78 -3.58 11.15
C PRO B 7 -26.62 -4.55 11.95
N LEU B 8 -27.55 -5.20 11.28
CA LEU B 8 -28.45 -6.12 11.93
C LEU B 8 -28.29 -7.52 11.41
N VAL B 9 -27.61 -7.65 10.29
CA VAL B 9 -27.21 -9.00 9.90
C VAL B 9 -25.76 -8.95 9.46
N ARG B 10 -25.03 -10.03 9.73
CA ARG B 10 -23.62 -10.15 9.39
C ARG B 10 -23.41 -11.59 8.99
N LEU B 11 -22.36 -11.84 8.23
CA LEU B 11 -21.96 -13.21 7.92
C LEU B 11 -20.65 -13.54 8.64
N ARG B 12 -20.50 -14.80 9.03
CA ARG B 12 -19.33 -15.20 9.80
C ARG B 12 -18.87 -16.57 9.37
N GLY B 13 -17.54 -16.74 9.35
CA GLY B 13 -16.91 -18.03 9.10
C GLY B 13 -16.71 -18.41 7.65
N GLY B 14 -17.00 -17.49 6.72
CA GLY B 14 -16.92 -17.83 5.30
C GLY B 14 -15.54 -17.64 4.70
N ALA B 15 -15.24 -18.44 3.68
CA ALA B 15 -13.94 -18.35 3.04
C ALA B 15 -13.80 -17.09 2.20
N TYR B 16 -14.92 -16.65 1.60
CA TYR B 16 -14.97 -15.49 0.72
C TYR B 16 -15.97 -14.49 1.24
N ILE B 17 -15.85 -13.25 0.73
CA ILE B 17 -16.85 -12.24 1.00
C ILE B 17 -18.14 -12.62 0.29
N GLY B 18 -19.27 -12.42 0.97
CA GLY B 18 -20.53 -12.86 0.44
C GLY B 18 -20.94 -14.26 0.84
N GLU B 19 -20.26 -14.85 1.84
CA GLU B 19 -20.42 -16.23 2.22
C GLU B 19 -20.31 -16.36 3.72
N GLY B 20 -21.12 -17.20 4.31
CA GLY B 20 -20.89 -17.59 5.69
C GLY B 20 -22.18 -17.94 6.42
N ARG B 21 -22.04 -18.06 7.74
CA ARG B 21 -23.17 -18.37 8.61
C ARG B 21 -23.99 -17.11 8.84
N VAL B 22 -25.31 -17.20 8.66
CA VAL B 22 -26.16 -16.04 8.88
C VAL B 22 -26.26 -15.76 10.38
N GLU B 23 -26.06 -14.49 10.75
CA GLU B 23 -26.20 -14.02 12.12
C GLU B 23 -27.01 -12.73 12.11
N VAL B 24 -28.05 -12.69 12.93
CA VAL B 24 -28.90 -11.51 13.07
C VAL B 24 -28.77 -10.98 14.49
N LEU B 25 -28.82 -9.66 14.62
CA LEU B 25 -28.72 -9.07 15.93
C LEU B 25 -30.10 -8.73 16.48
N LYS B 26 -30.44 -9.36 17.60
CA LYS B 26 -31.71 -9.16 18.24
C LYS B 26 -31.58 -9.05 19.75
N ASN B 27 -32.32 -8.16 20.34
CA ASN B 27 -32.24 -7.95 21.77
C ASN B 27 -30.83 -7.65 22.23
N GLY B 28 -30.19 -6.78 21.47
CA GLY B 28 -28.87 -6.26 21.77
C GLY B 28 -27.74 -7.26 21.61
N GLU B 29 -27.99 -8.38 20.94
CA GLU B 29 -27.00 -9.45 20.92
C GLU B 29 -27.06 -10.23 19.61
N TRP B 30 -25.88 -10.73 19.19
CA TRP B 30 -25.76 -11.48 17.96
C TRP B 30 -26.09 -12.96 18.18
N GLY B 31 -26.90 -13.53 17.28
CA GLY B 31 -27.27 -14.93 17.32
C GLY B 31 -27.58 -15.44 15.93
N THR B 32 -27.98 -16.71 15.85
CA THR B 32 -27.96 -17.45 14.58
C THR B 32 -29.38 -17.84 14.15
N VAL B 33 -29.47 -18.73 13.16
CA VAL B 33 -30.74 -19.05 12.49
C VAL B 33 -30.80 -20.55 12.20
N CYS B 34 -31.92 -21.17 12.56
CA CYS B 34 -32.11 -22.60 12.36
C CYS B 34 -32.44 -22.89 10.90
N ASP B 35 -31.84 -23.97 10.38
CA ASP B 35 -31.99 -24.30 8.98
C ASP B 35 -33.27 -25.06 8.64
N ASP B 36 -34.15 -25.35 9.61
CA ASP B 36 -35.43 -25.92 9.27
C ASP B 36 -36.17 -24.95 8.37
N LYS B 37 -36.56 -25.42 7.18
CA LYS B 37 -37.22 -24.56 6.21
C LYS B 37 -36.27 -23.43 5.78
N TRP B 38 -35.10 -23.78 5.25
CA TRP B 38 -34.13 -22.78 4.83
C TRP B 38 -34.05 -22.84 3.32
N ASP B 39 -34.35 -21.73 2.67
CA ASP B 39 -34.75 -21.69 1.28
C ASP B 39 -33.97 -20.64 0.52
N LEU B 40 -33.80 -20.90 -0.78
CA LEU B 40 -33.09 -19.97 -1.65
C LEU B 40 -33.66 -18.56 -1.54
N VAL B 41 -34.99 -18.45 -1.46
CA VAL B 41 -35.65 -17.14 -1.43
C VAL B 41 -35.21 -16.34 -0.20
N SER B 42 -35.17 -16.99 0.97
CA SER B 42 -34.81 -16.28 2.20
C SER B 42 -33.33 -15.96 2.21
N ALA B 43 -32.50 -16.92 1.79
CA ALA B 43 -31.09 -16.64 1.56
C ALA B 43 -30.93 -15.39 0.73
N SER B 44 -31.64 -15.32 -0.41
CA SER B 44 -31.50 -14.19 -1.33
C SER B 44 -31.90 -12.89 -0.68
N VAL B 45 -32.91 -12.93 0.21
CA VAL B 45 -33.19 -11.78 1.06
C VAL B 45 -31.93 -11.30 1.76
N VAL B 46 -31.26 -12.23 2.45
CA VAL B 46 -30.03 -11.89 3.18
C VAL B 46 -28.99 -11.29 2.25
N CYS B 47 -28.79 -11.93 1.09
CA CYS B 47 -27.72 -11.52 0.18
C CYS B 47 -28.00 -10.15 -0.42
N ARG B 48 -29.26 -9.82 -0.72
CA ARG B 48 -29.56 -8.51 -1.24
C ARG B 48 -29.43 -7.46 -0.15
N GLU B 49 -29.82 -7.83 1.08
CA GLU B 49 -29.70 -6.87 2.18
C GLU B 49 -28.24 -6.48 2.41
N LEU B 50 -27.31 -7.39 2.15
CA LEU B 50 -25.88 -7.11 2.33
C LEU B 50 -25.20 -6.55 1.08
N GLY B 51 -25.96 -6.23 0.03
CA GLY B 51 -25.40 -5.60 -1.15
C GLY B 51 -24.97 -6.52 -2.27
N PHE B 52 -25.24 -7.82 -2.17
CA PHE B 52 -24.86 -8.75 -3.21
C PHE B 52 -26.05 -9.00 -4.13
N GLY B 53 -25.92 -10.01 -4.98
CA GLY B 53 -27.01 -10.46 -5.81
C GLY B 53 -27.82 -11.53 -5.11
N SER B 54 -28.24 -12.53 -5.87
CA SER B 54 -29.03 -13.58 -5.25
C SER B 54 -28.09 -14.60 -4.62
N ALA B 55 -28.69 -15.57 -3.94
CA ALA B 55 -27.93 -16.62 -3.28
C ALA B 55 -27.73 -17.79 -4.23
N LYS B 56 -26.48 -18.24 -4.37
CA LYS B 56 -26.28 -19.58 -4.89
C LYS B 56 -26.85 -20.62 -3.93
N GLU B 57 -26.62 -20.44 -2.63
CA GLU B 57 -26.87 -21.54 -1.72
C GLU B 57 -27.48 -21.05 -0.41
N ALA B 58 -28.68 -21.55 -0.14
CA ALA B 58 -29.20 -21.66 1.22
C ALA B 58 -28.55 -22.88 1.83
N VAL B 59 -27.63 -22.65 2.73
CA VAL B 59 -26.72 -23.67 3.25
C VAL B 59 -27.25 -24.16 4.59
N THR B 60 -27.19 -25.46 4.79
CA THR B 60 -27.78 -26.08 5.95
C THR B 60 -26.75 -26.94 6.67
N GLY B 61 -27.13 -27.42 7.85
CA GLY B 61 -26.26 -28.27 8.62
C GLY B 61 -25.01 -27.60 9.14
N SER B 62 -25.00 -26.26 9.24
CA SER B 62 -23.86 -25.51 9.74
C SER B 62 -22.59 -25.72 8.91
N ARG B 63 -22.76 -26.07 7.63
CA ARG B 63 -21.62 -26.42 6.78
C ARG B 63 -20.51 -25.38 6.80
N LEU B 64 -20.85 -24.10 7.00
CA LEU B 64 -19.84 -23.05 6.96
C LEU B 64 -19.41 -22.59 8.36
N GLY B 65 -19.89 -23.24 9.40
CA GLY B 65 -19.46 -22.92 10.75
C GLY B 65 -20.59 -23.17 11.71
N GLN B 66 -20.26 -23.16 12.98
CA GLN B 66 -21.26 -23.25 14.04
C GLN B 66 -21.26 -21.93 14.78
N GLY B 67 -22.44 -21.37 14.96
CA GLY B 67 -22.58 -20.27 15.87
C GLY B 67 -22.53 -20.74 17.31
N ILE B 68 -22.47 -19.78 18.21
CA ILE B 68 -22.48 -20.02 19.65
C ILE B 68 -23.43 -19.00 20.25
N GLY B 69 -24.17 -19.40 21.27
CA GLY B 69 -25.14 -18.50 21.87
C GLY B 69 -26.55 -18.74 21.37
N PRO B 70 -27.37 -17.69 21.37
CA PRO B 70 -28.81 -17.87 21.12
C PRO B 70 -29.09 -18.14 19.64
N ILE B 71 -29.97 -19.10 19.40
CA ILE B 71 -30.62 -19.24 18.10
C ILE B 71 -31.87 -18.36 18.11
N HIS B 72 -31.89 -17.32 17.26
CA HIS B 72 -32.87 -16.25 17.32
C HIS B 72 -34.08 -16.47 16.43
N LEU B 73 -33.90 -16.98 15.23
CA LEU B 73 -34.99 -17.19 14.30
C LEU B 73 -35.07 -18.66 13.96
N ASN B 74 -36.11 -19.05 13.24
CA ASN B 74 -36.29 -20.44 12.83
C ASN B 74 -37.33 -20.47 11.73
N GLU B 75 -37.33 -21.58 11.00
CA GLU B 75 -38.25 -21.81 9.89
C GLU B 75 -38.57 -20.52 9.16
N ILE B 76 -37.56 -19.79 8.69
CA ILE B 76 -37.86 -18.57 7.97
C ILE B 76 -38.44 -18.90 6.62
N GLN B 77 -39.50 -18.23 6.25
CA GLN B 77 -40.08 -18.42 4.93
C GLN B 77 -40.39 -17.03 4.38
N CYS B 78 -39.35 -16.40 3.83
CA CYS B 78 -39.50 -15.10 3.20
C CYS B 78 -40.30 -15.23 1.91
N THR B 79 -41.26 -14.31 1.75
CA THR B 79 -41.93 -14.20 0.47
C THR B 79 -40.95 -13.80 -0.63
N GLY B 80 -40.01 -12.90 -0.31
CA GLY B 80 -38.94 -12.59 -1.24
C GLY B 80 -38.81 -11.12 -1.57
N ASN B 81 -39.74 -10.32 -1.04
CA ASN B 81 -39.78 -8.89 -1.29
C ASN B 81 -39.25 -8.07 -0.11
N GLU B 82 -38.99 -8.69 1.03
CA GLU B 82 -38.55 -7.93 2.19
C GLU B 82 -37.14 -7.42 1.93
N LYS B 83 -36.78 -6.33 2.63
CA LYS B 83 -35.48 -5.70 2.41
C LYS B 83 -34.50 -5.96 3.54
N SER B 84 -34.91 -6.69 4.58
CA SER B 84 -34.04 -7.32 5.55
C SER B 84 -34.73 -8.60 6.01
N ILE B 85 -33.94 -9.53 6.53
CA ILE B 85 -34.51 -10.80 6.99
C ILE B 85 -35.17 -10.66 8.36
N ILE B 86 -34.90 -9.58 9.05
CA ILE B 86 -35.57 -9.39 10.31
C ILE B 86 -37.07 -9.24 10.05
N ASP B 87 -37.44 -8.74 8.88
CA ASP B 87 -38.83 -8.54 8.56
C ASP B 87 -39.48 -9.74 7.91
N CYS B 88 -38.75 -10.84 7.78
CA CYS B 88 -39.31 -12.06 7.19
C CYS B 88 -40.00 -12.80 8.35
N LYS B 89 -41.15 -13.41 8.11
CA LYS B 89 -41.83 -14.15 9.18
C LYS B 89 -41.04 -15.35 9.70
N PHE B 90 -40.91 -15.52 11.00
CA PHE B 90 -40.20 -16.70 11.42
C PHE B 90 -41.01 -17.54 12.37
N ASN B 91 -40.81 -18.85 12.29
CA ASN B 91 -41.47 -19.75 13.20
C ASN B 91 -40.85 -19.31 14.51
N ALA B 92 -41.65 -18.72 15.38
CA ALA B 92 -41.18 -18.20 16.67
C ALA B 92 -40.45 -19.19 17.58
N GLU B 93 -40.83 -20.46 17.53
CA GLU B 93 -40.18 -21.48 18.29
C GLU B 93 -38.76 -21.65 17.82
N SER B 94 -37.87 -21.95 18.75
CA SER B 94 -36.48 -22.17 18.39
C SER B 94 -35.87 -23.32 19.17
N GLN B 95 -36.59 -23.82 20.16
CA GLN B 95 -36.11 -24.94 20.95
C GLN B 95 -36.19 -26.17 20.08
N GLY B 96 -35.25 -27.07 20.32
CA GLY B 96 -35.11 -28.28 19.54
C GLY B 96 -33.93 -28.10 18.61
N CYS B 97 -33.85 -26.90 18.03
CA CYS B 97 -32.79 -26.50 17.13
C CYS B 97 -31.52 -26.32 17.91
N ASN B 98 -30.40 -26.63 17.28
CA ASN B 98 -29.10 -26.42 17.90
C ASN B 98 -28.10 -25.92 16.86
N HIS B 99 -26.91 -25.57 17.30
CA HIS B 99 -25.93 -24.98 16.39
C HIS B 99 -25.45 -25.92 15.29
N GLU B 100 -25.60 -27.24 15.44
CA GLU B 100 -25.39 -28.16 14.34
C GLU B 100 -26.36 -27.87 13.19
N GLU B 101 -27.16 -26.80 13.33
CA GLU B 101 -28.27 -26.49 12.43
C GLU B 101 -28.28 -25.05 11.94
N ASP B 102 -27.21 -24.28 12.19
CA ASP B 102 -27.22 -22.86 11.83
C ASP B 102 -27.18 -22.65 10.32
N ALA B 103 -27.99 -21.71 9.84
CA ALA B 103 -28.16 -21.49 8.41
C ALA B 103 -27.06 -20.61 7.86
N GLY B 104 -26.63 -20.91 6.63
CA GLY B 104 -25.62 -20.11 5.96
C GLY B 104 -26.09 -19.72 4.56
N VAL B 105 -25.33 -18.83 3.94
CA VAL B 105 -25.60 -18.38 2.58
C VAL B 105 -24.29 -18.29 1.82
N ARG B 106 -24.32 -18.71 0.56
CA ARG B 106 -23.30 -18.35 -0.40
C ARG B 106 -23.96 -17.53 -1.48
N CYS B 107 -23.55 -16.26 -1.60
CA CYS B 107 -24.09 -15.35 -2.60
C CYS B 107 -23.16 -15.29 -3.81
N ASN B 108 -23.67 -14.79 -4.93
CA ASN B 108 -22.77 -14.47 -6.02
C ASN B 108 -22.46 -13.01 -5.88
N THR B 109 -21.21 -12.69 -6.15
CA THR B 109 -20.81 -11.33 -6.14
C THR B 109 -19.90 -11.20 -7.31
N PRO B 110 -19.62 -9.96 -7.66
CA PRO B 110 -18.71 -9.68 -8.75
C PRO B 110 -17.42 -10.41 -8.47
N ALA B 111 -17.15 -11.50 -9.16
CA ALA B 111 -15.88 -12.18 -8.94
C ALA B 111 -14.79 -11.21 -9.37
N MET B 112 -13.70 -11.15 -8.62
CA MET B 112 -12.61 -10.22 -8.90
C MET B 112 -11.92 -10.36 -10.26
N GLY B 113 -11.88 -11.57 -10.79
CA GLY B 113 -11.22 -11.81 -12.05
C GLY B 113 -9.79 -12.28 -11.84
N LEU B 114 -9.26 -12.97 -12.84
CA LEU B 114 -7.90 -13.51 -12.79
C LEU B 114 -6.91 -12.43 -12.41
N GLN B 115 -6.23 -12.62 -11.28
CA GLN B 115 -5.26 -11.67 -10.80
C GLN B 115 -4.09 -11.50 -11.74
N LYS B 116 -3.61 -10.27 -11.86
CA LYS B 116 -2.50 -10.01 -12.75
C LYS B 116 -1.30 -9.41 -12.07
N LYS B 117 -1.42 -8.95 -10.84
CA LYS B 117 -0.23 -8.32 -10.27
C LYS B 117 0.27 -9.03 -9.00
N LEU B 118 -0.11 -10.28 -8.82
CA LEU B 118 0.32 -11.11 -7.71
C LEU B 118 0.07 -12.57 -8.05
N ARG B 119 1.02 -13.43 -7.67
CA ARG B 119 0.97 -14.83 -8.07
C ARG B 119 1.79 -15.66 -7.10
N LEU B 120 1.50 -16.96 -7.10
CA LEU B 120 2.31 -17.94 -6.38
C LEU B 120 3.03 -18.80 -7.40
N ASN B 121 4.29 -19.06 -7.08
CA ASN B 121 5.23 -19.79 -7.90
C ASN B 121 6.09 -20.72 -7.05
N GLY B 122 6.75 -21.70 -7.65
CA GLY B 122 7.52 -22.58 -6.83
C GLY B 122 6.38 -23.31 -6.18
N GLY B 123 6.67 -24.19 -5.23
CA GLY B 123 5.59 -24.77 -4.45
C GLY B 123 5.01 -25.93 -5.19
N ARG B 124 4.60 -26.93 -4.44
CA ARG B 124 4.20 -28.21 -4.99
C ARG B 124 2.98 -28.10 -5.88
N ASN B 125 2.04 -27.27 -5.46
CA ASN B 125 0.77 -27.19 -6.15
C ASN B 125 0.21 -25.79 -6.21
N PRO B 126 -0.82 -25.63 -7.03
CA PRO B 126 -1.37 -24.28 -7.32
C PRO B 126 -1.86 -23.53 -6.10
N TYR B 127 -1.84 -24.18 -4.94
CA TYR B 127 -2.46 -23.71 -3.71
C TYR B 127 -1.46 -23.21 -2.68
N GLU B 128 -0.15 -23.38 -2.92
CA GLU B 128 0.88 -22.82 -2.07
C GLU B 128 1.99 -22.23 -2.93
N GLY B 129 2.78 -21.34 -2.32
CA GLY B 129 3.98 -20.92 -3.01
C GLY B 129 4.62 -19.69 -2.41
N ARG B 130 5.77 -19.36 -2.98
CA ARG B 130 6.36 -18.04 -2.87
C ARG B 130 5.41 -17.03 -3.47
N VAL B 131 5.24 -15.90 -2.78
CA VAL B 131 4.28 -14.87 -3.18
C VAL B 131 5.01 -13.85 -4.02
N GLU B 132 4.60 -13.69 -5.27
CA GLU B 132 5.35 -12.84 -6.19
C GLU B 132 4.42 -11.78 -6.74
N VAL B 133 4.91 -10.54 -6.76
CA VAL B 133 4.13 -9.41 -7.24
C VAL B 133 4.83 -8.80 -8.44
N LEU B 134 4.03 -8.37 -9.42
CA LEU B 134 4.52 -7.77 -10.64
C LEU B 134 4.87 -6.31 -10.42
N VAL B 135 5.98 -5.86 -11.00
CA VAL B 135 6.51 -4.53 -10.71
C VAL B 135 7.32 -4.04 -11.91
N GLU B 136 7.45 -2.73 -12.02
CA GLU B 136 8.24 -2.13 -13.08
C GLU B 136 9.62 -1.74 -12.56
N ARG B 137 10.66 -2.18 -13.27
CA ARG B 137 12.04 -1.98 -12.85
C ARG B 137 12.90 -1.79 -14.10
N GLN B 138 13.69 -0.71 -14.10
CA GLN B 138 14.56 -0.36 -15.24
C GLN B 138 13.80 -0.21 -16.55
N GLY B 139 12.48 -0.04 -16.49
CA GLY B 139 11.66 -0.05 -17.69
C GLY B 139 11.12 -1.39 -18.11
N SER B 140 11.24 -2.43 -17.29
CA SER B 140 10.78 -3.77 -17.62
C SER B 140 9.77 -4.27 -16.59
N LEU B 141 8.86 -5.11 -17.03
CA LEU B 141 7.96 -5.80 -16.11
C LEU B 141 8.64 -7.03 -15.53
N VAL B 142 8.80 -7.07 -14.22
CA VAL B 142 9.50 -8.15 -13.55
C VAL B 142 8.68 -8.61 -12.36
N TRP B 143 8.81 -9.89 -12.05
CA TRP B 143 8.10 -10.51 -10.94
C TRP B 143 8.98 -10.49 -9.71
N GLY B 144 8.56 -9.74 -8.70
CA GLY B 144 9.34 -9.55 -7.50
C GLY B 144 8.93 -10.49 -6.39
N MET B 145 9.51 -10.29 -5.22
CA MET B 145 9.30 -11.21 -4.12
C MET B 145 9.11 -10.37 -2.86
N VAL B 146 8.26 -10.89 -1.95
CA VAL B 146 7.76 -10.14 -0.81
C VAL B 146 8.60 -10.50 0.42
N CYS B 147 8.97 -9.48 1.20
CA CYS B 147 9.78 -9.69 2.38
C CYS B 147 9.10 -10.64 3.35
N GLY B 148 9.86 -11.59 3.89
CA GLY B 148 9.31 -12.60 4.77
C GLY B 148 9.27 -12.22 6.22
N GLN B 149 9.83 -11.06 6.58
CA GLN B 149 9.90 -10.64 7.97
C GLN B 149 8.54 -10.16 8.49
N ASN B 150 8.12 -10.72 9.62
CA ASN B 150 6.82 -10.47 10.26
C ASN B 150 5.66 -10.90 9.37
N TRP B 151 5.92 -11.80 8.43
CA TRP B 151 4.87 -12.28 7.54
C TRP B 151 4.11 -13.39 8.24
N GLY B 152 2.90 -13.09 8.71
CA GLY B 152 2.07 -14.02 9.43
C GLY B 152 0.90 -14.56 8.61
N ILE B 153 -0.06 -15.16 9.32
CA ILE B 153 -1.12 -15.87 8.65
C ILE B 153 -2.26 -14.93 8.22
N VAL B 154 -2.35 -13.74 8.80
CA VAL B 154 -3.37 -12.80 8.37
C VAL B 154 -3.00 -12.21 7.00
N GLU B 155 -1.75 -11.77 6.83
CA GLU B 155 -1.18 -11.49 5.52
C GLU B 155 -1.51 -12.60 4.51
N ALA B 156 -1.26 -13.85 4.91
CA ALA B 156 -1.53 -14.98 4.05
C ALA B 156 -3.01 -15.10 3.72
N MET B 157 -3.89 -14.65 4.63
CA MET B 157 -5.33 -14.66 4.35
C MET B 157 -5.66 -13.69 3.22
N VAL B 158 -5.12 -12.48 3.32
CA VAL B 158 -5.34 -11.46 2.29
C VAL B 158 -4.87 -11.99 0.94
N VAL B 159 -3.68 -12.61 0.91
CA VAL B 159 -3.16 -13.17 -0.34
C VAL B 159 -4.04 -14.30 -0.86
N CYS B 160 -4.47 -15.19 0.04
CA CYS B 160 -5.14 -16.42 -0.36
C CYS B 160 -6.51 -16.15 -0.94
N ARG B 161 -7.23 -15.15 -0.41
CA ARG B 161 -8.51 -14.84 -1.04
C ARG B 161 -8.39 -13.78 -2.13
N GLN B 162 -7.32 -13.00 -2.14
CA GLN B 162 -7.04 -12.17 -3.31
C GLN B 162 -6.92 -13.04 -4.56
N LEU B 163 -6.34 -14.24 -4.43
CA LEU B 163 -6.27 -15.18 -5.55
C LEU B 163 -7.49 -16.08 -5.64
N GLY B 164 -8.51 -15.85 -4.82
CA GLY B 164 -9.66 -16.73 -4.76
C GLY B 164 -9.35 -18.18 -4.48
N LEU B 165 -8.52 -18.44 -3.46
CA LEU B 165 -8.14 -19.80 -3.09
C LEU B 165 -8.56 -20.16 -1.67
N GLY B 166 -9.35 -19.31 -1.02
CA GLY B 166 -9.97 -19.64 0.26
C GLY B 166 -9.31 -18.99 1.46
N PHE B 167 -9.21 -19.77 2.53
CA PHE B 167 -8.45 -19.38 3.71
C PHE B 167 -6.98 -19.63 3.48
N ALA B 168 -6.16 -18.82 4.14
CA ALA B 168 -4.79 -19.26 4.42
C ALA B 168 -4.87 -20.46 5.35
N SER B 169 -4.13 -21.51 5.02
CA SER B 169 -3.85 -22.57 5.98
C SER B 169 -2.46 -22.44 6.57
N ASN B 170 -1.56 -21.70 5.92
CA ASN B 170 -0.18 -21.58 6.38
C ASN B 170 0.41 -20.25 5.92
N ALA B 171 1.32 -19.71 6.74
CA ALA B 171 2.18 -18.60 6.35
C ALA B 171 3.62 -18.99 6.64
N PHE B 172 4.50 -18.76 5.66
CA PHE B 172 5.92 -19.04 5.76
C PHE B 172 6.71 -17.74 5.74
N GLN B 173 7.82 -17.72 6.46
CA GLN B 173 8.67 -16.54 6.56
C GLN B 173 9.97 -16.67 5.78
N GLU B 174 10.55 -17.86 5.81
CA GLU B 174 11.72 -18.20 5.01
C GLU B 174 11.46 -18.64 3.58
N THR B 175 12.53 -18.65 2.81
CA THR B 175 12.58 -19.21 1.47
C THR B 175 12.79 -20.69 1.57
N TRP B 176 13.04 -21.32 0.43
CA TRP B 176 13.66 -22.64 0.33
C TRP B 176 12.68 -23.78 0.52
N TYR B 177 11.45 -23.40 0.83
CA TYR B 177 10.33 -24.30 0.75
C TYR B 177 9.98 -24.51 -0.72
N TRP B 178 10.53 -23.66 -1.61
CA TRP B 178 10.10 -23.64 -3.00
C TRP B 178 11.13 -23.75 -4.15
N HIS B 179 10.70 -24.41 -5.22
CA HIS B 179 11.43 -24.63 -6.46
C HIS B 179 11.86 -23.29 -7.08
N GLY B 180 12.88 -23.37 -7.92
CA GLY B 180 13.41 -22.18 -8.54
C GLY B 180 14.51 -21.52 -7.71
N ASP B 181 15.49 -20.97 -8.40
CA ASP B 181 16.66 -20.36 -7.76
C ASP B 181 16.37 -19.19 -6.83
N VAL B 182 16.94 -19.25 -5.64
CA VAL B 182 16.78 -18.22 -4.64
C VAL B 182 17.44 -16.90 -5.05
N ASN B 183 18.76 -16.94 -5.21
CA ASN B 183 19.59 -15.77 -5.56
C ASN B 183 19.11 -14.69 -6.57
N SER B 184 18.34 -15.08 -7.57
CA SER B 184 17.87 -14.16 -8.59
C SER B 184 16.90 -13.00 -8.34
N ASN B 185 15.65 -13.34 -8.07
CA ASN B 185 14.61 -12.38 -7.70
C ASN B 185 14.92 -11.49 -6.52
N LYS B 186 14.69 -10.20 -6.70
CA LYS B 186 14.94 -9.21 -5.66
C LYS B 186 13.68 -8.99 -4.83
N VAL B 187 13.82 -8.38 -3.68
CA VAL B 187 12.64 -8.17 -2.84
C VAL B 187 11.98 -6.85 -3.24
N VAL B 188 10.66 -6.89 -3.40
CA VAL B 188 9.95 -5.84 -4.12
C VAL B 188 8.90 -5.16 -3.24
N MET B 189 8.36 -5.83 -2.24
CA MET B 189 7.58 -5.11 -1.22
C MET B 189 7.89 -5.66 0.17
N SER B 190 7.49 -4.89 1.17
CA SER B 190 8.19 -4.93 2.44
C SER B 190 7.28 -4.46 3.55
N GLY B 191 7.49 -5.03 4.74
CA GLY B 191 6.78 -4.59 5.95
C GLY B 191 5.29 -4.75 5.86
N VAL B 192 4.84 -5.71 5.05
CA VAL B 192 3.40 -5.91 4.90
C VAL B 192 2.81 -6.31 6.23
N LYS B 193 1.77 -5.57 6.66
CA LYS B 193 0.98 -5.91 7.86
C LYS B 193 -0.47 -5.66 7.52
N CYS B 194 -1.24 -6.73 7.31
CA CYS B 194 -2.65 -6.63 6.99
C CYS B 194 -3.51 -6.66 8.25
N SER B 195 -4.69 -6.07 8.16
CA SER B 195 -5.69 -6.29 9.19
C SER B 195 -6.49 -7.56 8.93
N GLY B 196 -6.54 -8.04 7.68
CA GLY B 196 -7.28 -9.23 7.32
C GLY B 196 -8.48 -8.95 6.45
N THR B 197 -8.99 -7.72 6.47
CA THR B 197 -10.13 -7.30 5.66
C THR B 197 -9.73 -6.81 4.28
N GLU B 198 -8.45 -6.55 4.02
CA GLU B 198 -8.03 -6.00 2.75
C GLU B 198 -8.33 -6.99 1.62
N LEU B 199 -8.71 -6.46 0.46
CA LEU B 199 -9.06 -7.29 -0.68
C LEU B 199 -7.87 -7.53 -1.61
N SER B 200 -6.73 -7.02 -1.23
CA SER B 200 -5.50 -7.22 -1.96
C SER B 200 -4.37 -6.83 -1.06
N LEU B 201 -3.27 -7.56 -1.19
CA LEU B 201 -2.08 -7.30 -0.37
C LEU B 201 -1.74 -5.83 -0.36
N ALA B 202 -1.64 -5.24 -1.55
CA ALA B 202 -1.26 -3.84 -1.72
C ALA B 202 -2.10 -2.91 -0.84
N HIS B 203 -3.36 -3.26 -0.62
CA HIS B 203 -4.13 -2.40 0.28
C HIS B 203 -3.76 -2.61 1.75
N CYS B 204 -3.00 -3.65 2.09
CA CYS B 204 -2.50 -3.76 3.46
C CYS B 204 -1.46 -2.66 3.72
N ARG B 205 -1.28 -2.33 4.99
CA ARG B 205 -0.20 -1.44 5.34
C ARG B 205 1.12 -2.10 5.01
N HIS B 206 1.95 -1.42 4.24
CA HIS B 206 3.23 -1.97 3.81
C HIS B 206 4.17 -0.82 3.52
N ASP B 207 5.47 -1.09 3.57
CA ASP B 207 6.44 -0.10 3.11
C ASP B 207 6.13 -0.01 1.65
N GLY B 208 6.35 1.14 1.04
CA GLY B 208 5.94 1.31 -0.34
C GLY B 208 7.02 0.99 -1.34
N GLU B 209 7.51 2.00 -2.04
CA GLU B 209 8.66 1.85 -2.91
C GLU B 209 9.93 1.54 -2.15
N ASP B 210 10.09 2.15 -0.99
CA ASP B 210 11.33 1.97 -0.23
C ASP B 210 11.30 0.69 0.63
N VAL B 211 11.60 -0.41 -0.02
CA VAL B 211 11.64 -1.73 0.58
C VAL B 211 12.88 -1.93 1.44
N ALA B 212 12.83 -2.96 2.27
CA ALA B 212 13.89 -3.25 3.17
C ALA B 212 13.65 -4.61 3.77
N CYS B 213 14.37 -5.59 3.26
CA CYS B 213 14.28 -6.93 3.76
C CYS B 213 15.68 -7.25 4.16
N PRO B 214 16.06 -6.75 5.32
CA PRO B 214 17.40 -6.93 5.88
C PRO B 214 18.02 -8.26 5.52
N GLN B 215 19.33 -8.26 5.41
CA GLN B 215 20.06 -9.49 5.14
C GLN B 215 20.52 -10.12 6.45
N GLY B 216 20.99 -11.35 6.38
CA GLY B 216 21.40 -12.08 7.56
C GLY B 216 20.29 -13.03 7.95
N GLY B 217 20.66 -14.13 8.58
CA GLY B 217 19.68 -15.12 8.98
C GLY B 217 19.39 -16.08 7.84
N VAL B 218 18.12 -16.19 7.48
CA VAL B 218 17.69 -17.06 6.39
C VAL B 218 17.19 -16.22 5.21
N GLN B 219 16.99 -16.87 4.08
CA GLN B 219 16.47 -16.17 2.94
C GLN B 219 15.08 -15.69 3.37
N TYR B 220 14.89 -14.38 3.37
CA TYR B 220 13.64 -13.77 3.80
C TYR B 220 12.49 -13.52 2.81
N GLY B 221 11.95 -14.56 2.20
CA GLY B 221 10.77 -14.39 1.39
C GLY B 221 9.46 -15.02 1.83
N ALA B 222 8.37 -14.28 1.67
CA ALA B 222 7.07 -14.75 2.10
C ALA B 222 6.44 -15.75 1.16
N GLY B 223 5.72 -16.69 1.74
CA GLY B 223 4.97 -17.68 1.00
C GLY B 223 3.71 -18.00 1.80
N VAL B 224 2.81 -18.79 1.18
CA VAL B 224 1.53 -19.11 1.80
C VAL B 224 1.10 -20.50 1.35
N ALA B 225 0.17 -21.08 2.10
CA ALA B 225 -0.65 -22.20 1.67
C ALA B 225 -2.10 -21.89 1.96
N CYS B 226 -3.01 -22.43 1.13
CA CYS B 226 -4.42 -22.06 1.20
C CYS B 226 -5.27 -23.31 1.10
N SER B 227 -6.49 -23.19 1.63
CA SER B 227 -7.41 -24.32 1.63
C SER B 227 -8.82 -23.77 1.73
N GLU B 228 -9.78 -24.59 1.29
CA GLU B 228 -11.18 -24.17 1.28
C GLU B 228 -11.80 -24.13 2.67
N THR B 229 -11.10 -24.61 3.70
CA THR B 229 -11.66 -24.76 5.04
C THR B 229 -10.69 -24.25 6.09
N ALA B 230 -11.24 -23.93 7.26
CA ALA B 230 -10.46 -23.54 8.44
C ALA B 230 -11.25 -23.86 9.71
N PRO B 231 -10.57 -24.14 10.81
CA PRO B 231 -11.29 -24.31 12.09
C PRO B 231 -11.62 -22.96 12.68
N ASP B 232 -12.59 -22.95 13.61
CA ASP B 232 -12.91 -21.72 14.33
C ASP B 232 -13.14 -22.02 15.80
N LEU B 233 -12.36 -21.38 16.66
CA LEU B 233 -12.30 -21.67 18.10
C LEU B 233 -12.95 -20.56 18.89
N VAL B 234 -13.69 -20.93 19.92
CA VAL B 234 -14.33 -19.94 20.80
C VAL B 234 -14.24 -20.41 22.24
N LEU B 235 -13.84 -19.50 23.13
CA LEU B 235 -13.98 -19.73 24.57
C LEU B 235 -15.46 -19.81 24.93
N ASN B 236 -15.84 -20.84 25.70
CA ASN B 236 -17.16 -20.87 26.31
C ASN B 236 -17.14 -19.92 27.51
N ALA B 237 -17.76 -18.75 27.35
CA ALA B 237 -17.67 -17.70 28.37
C ALA B 237 -18.64 -17.90 29.52
N GLU B 238 -19.76 -18.62 29.28
CA GLU B 238 -20.62 -19.06 30.38
C GLU B 238 -19.80 -19.78 31.41
N MET B 239 -19.07 -20.82 30.99
CA MET B 239 -18.27 -21.63 31.91
C MET B 239 -17.27 -20.81 32.68
N VAL B 240 -16.53 -19.94 31.97
CA VAL B 240 -15.61 -19.06 32.67
C VAL B 240 -16.33 -18.38 33.82
N GLN B 241 -17.58 -17.93 33.59
CA GLN B 241 -18.25 -17.24 34.67
C GLN B 241 -18.77 -18.18 35.76
N GLN B 242 -19.18 -19.39 35.39
CA GLN B 242 -19.66 -20.34 36.39
C GLN B 242 -18.54 -20.81 37.31
N THR B 243 -17.32 -20.95 36.77
CA THR B 243 -16.23 -21.65 37.47
C THR B 243 -15.13 -20.73 37.99
N THR B 244 -15.36 -19.41 38.07
CA THR B 244 -14.35 -18.53 38.65
C THR B 244 -14.42 -18.59 40.17
N TYR B 245 -13.25 -18.71 40.81
CA TYR B 245 -13.18 -18.59 42.24
C TYR B 245 -11.76 -18.23 42.64
N LEU B 246 -11.59 -17.93 43.93
CA LEU B 246 -10.28 -17.66 44.49
C LEU B 246 -9.81 -18.86 45.31
N GLU B 247 -8.50 -19.02 45.38
CA GLU B 247 -7.92 -19.97 46.33
C GLU B 247 -6.52 -19.51 46.70
N ASP B 248 -6.21 -19.57 47.99
CA ASP B 248 -4.84 -19.37 48.47
C ASP B 248 -4.16 -20.72 48.54
N ARG B 249 -3.03 -20.87 47.85
CA ARG B 249 -2.32 -22.13 47.89
C ARG B 249 -1.01 -22.00 48.64
N PRO B 250 -0.69 -22.94 49.53
CA PRO B 250 0.67 -22.97 50.08
C PRO B 250 1.63 -23.40 48.99
N MET B 251 2.84 -22.84 49.04
CA MET B 251 3.82 -23.21 48.04
C MET B 251 4.30 -24.64 48.17
N PHE B 252 3.85 -25.37 49.19
CA PHE B 252 4.24 -26.77 49.30
C PHE B 252 3.63 -27.62 48.17
N LEU B 253 2.42 -27.23 47.82
CA LEU B 253 1.52 -27.88 46.87
C LEU B 253 1.89 -27.84 45.39
N LEU B 254 2.49 -26.74 44.96
CA LEU B 254 2.71 -26.53 43.54
C LEU B 254 4.16 -26.16 43.27
N GLN B 255 5.06 -27.09 43.51
CA GLN B 255 6.45 -26.82 43.26
C GLN B 255 6.75 -26.61 41.78
N CYS B 256 6.27 -27.49 40.91
CA CYS B 256 6.50 -27.29 39.49
C CYS B 256 5.76 -26.08 38.98
N ALA B 257 4.53 -25.93 39.42
CA ALA B 257 3.81 -24.72 39.02
C ALA B 257 4.68 -23.48 39.17
N MET B 258 5.73 -23.54 40.01
CA MET B 258 6.77 -22.53 39.99
C MET B 258 7.75 -22.76 38.85
N GLU B 259 8.16 -24.02 38.65
CA GLU B 259 9.11 -24.40 37.61
C GLU B 259 8.49 -24.47 36.22
N GLU B 260 7.16 -24.46 36.12
CA GLU B 260 6.49 -24.34 34.83
C GLU B 260 5.98 -22.91 34.59
N ASN B 261 6.69 -21.92 35.14
CA ASN B 261 6.49 -20.48 34.96
C ASN B 261 5.05 -20.03 35.13
N CYS B 262 4.24 -20.80 35.87
CA CYS B 262 2.85 -20.42 36.10
C CYS B 262 2.68 -19.48 37.28
N LEU B 263 3.74 -19.20 38.03
CA LEU B 263 3.64 -18.38 39.22
C LEU B 263 4.34 -17.04 39.00
N SER B 264 3.67 -15.97 39.39
CA SER B 264 4.04 -14.61 39.02
C SER B 264 5.35 -14.16 39.67
N ALA B 265 5.61 -12.85 39.62
CA ALA B 265 6.93 -12.32 39.97
C ALA B 265 7.18 -12.36 41.47
N SER B 266 6.33 -11.68 42.26
CA SER B 266 6.57 -11.63 43.70
C SER B 266 6.49 -13.03 44.31
N ALA B 267 5.52 -13.85 43.85
CA ALA B 267 5.45 -15.27 44.18
C ALA B 267 6.74 -16.01 43.97
N ALA B 268 7.58 -15.54 43.06
CA ALA B 268 8.71 -16.36 42.64
C ALA B 268 9.56 -16.73 43.85
N GLN B 269 10.03 -15.72 44.57
CA GLN B 269 10.58 -15.98 45.89
C GLN B 269 9.58 -15.70 47.04
N THR B 270 9.02 -16.76 47.61
CA THR B 270 8.22 -16.69 48.83
C THR B 270 8.20 -18.06 49.49
N ASP B 271 7.86 -18.12 50.77
CA ASP B 271 8.12 -19.32 51.58
C ASP B 271 7.23 -20.52 51.32
N PRO B 272 7.91 -21.73 51.10
CA PRO B 272 7.01 -22.90 51.09
C PRO B 272 6.39 -23.13 52.46
N THR B 273 7.18 -22.80 53.47
CA THR B 273 6.78 -23.11 54.82
C THR B 273 5.48 -22.40 55.24
N THR B 274 5.32 -21.13 54.90
CA THR B 274 4.04 -20.47 55.16
C THR B 274 3.14 -20.41 53.93
N GLY B 275 3.72 -20.07 52.78
CA GLY B 275 3.19 -20.32 51.45
C GLY B 275 1.85 -19.94 50.81
N TYR B 276 1.36 -18.72 50.96
CA TYR B 276 0.19 -18.26 50.18
C TYR B 276 0.54 -17.93 48.72
N ARG B 277 -0.37 -18.22 47.79
CA ARG B 277 -0.47 -17.46 46.54
C ARG B 277 -1.95 -17.31 46.23
N ARG B 278 -2.41 -16.08 46.05
CA ARG B 278 -3.81 -15.86 45.71
C ARG B 278 -4.00 -16.14 44.23
N LEU B 279 -4.80 -17.16 43.93
CA LEU B 279 -4.96 -17.68 42.58
C LEU B 279 -6.43 -17.61 42.17
N LEU B 280 -6.73 -16.74 41.22
CA LEU B 280 -8.03 -16.70 40.56
C LEU B 280 -8.12 -17.85 39.58
N ARG B 281 -8.76 -18.94 39.99
CA ARG B 281 -8.96 -20.10 39.14
C ARG B 281 -10.26 -19.97 38.35
N PHE B 282 -10.29 -20.68 37.23
CA PHE B 282 -11.42 -20.68 36.30
C PHE B 282 -11.25 -21.85 35.34
N SER B 283 -12.36 -22.31 34.78
CA SER B 283 -12.31 -23.33 33.73
C SER B 283 -12.15 -22.66 32.36
N SER B 284 -11.54 -23.38 31.41
CA SER B 284 -11.24 -22.84 30.07
C SER B 284 -11.68 -23.85 29.02
N GLN B 285 -12.85 -23.66 28.45
CA GLN B 285 -13.40 -24.58 27.46
C GLN B 285 -13.32 -23.93 26.08
N ILE B 286 -12.65 -24.61 25.14
CA ILE B 286 -12.45 -24.09 23.79
C ILE B 286 -13.24 -24.96 22.82
N HIS B 287 -14.06 -24.32 21.99
CA HIS B 287 -14.84 -25.00 20.96
C HIS B 287 -14.14 -24.88 19.61
N ASN B 288 -14.23 -25.93 18.81
CA ASN B 288 -13.93 -25.84 17.38
C ASN B 288 -15.26 -25.91 16.65
N ASN B 289 -15.79 -24.75 16.28
CA ASN B 289 -17.02 -24.59 15.53
C ASN B 289 -16.79 -24.33 14.05
N GLY B 290 -15.54 -24.37 13.59
CA GLY B 290 -15.22 -24.04 12.21
C GLY B 290 -15.58 -25.10 11.19
N GLN B 291 -14.81 -25.19 10.09
CA GLN B 291 -15.08 -26.12 9.00
C GLN B 291 -14.07 -27.24 8.90
N SER B 292 -13.06 -27.26 9.76
CA SER B 292 -12.08 -28.34 9.74
C SER B 292 -11.51 -28.51 11.15
N ASP B 293 -10.71 -29.57 11.32
CA ASP B 293 -10.09 -29.83 12.60
C ASP B 293 -8.99 -28.82 12.88
N PHE B 294 -9.01 -28.22 14.07
CA PHE B 294 -7.93 -27.36 14.50
C PHE B 294 -6.73 -28.20 14.89
N ARG B 295 -5.56 -27.82 14.42
CA ARG B 295 -4.36 -28.64 14.51
C ARG B 295 -3.17 -27.81 14.96
N PRO B 296 -2.26 -28.36 15.79
CA PRO B 296 -1.06 -27.61 16.12
C PRO B 296 -0.26 -27.30 14.86
N LYS B 297 0.49 -26.19 14.91
CA LYS B 297 1.34 -25.80 13.80
C LYS B 297 2.34 -26.91 13.50
N ASN B 298 3.20 -27.21 14.47
CA ASN B 298 4.23 -28.22 14.32
C ASN B 298 3.75 -29.57 14.85
N GLY B 299 4.37 -30.63 14.32
CA GLY B 299 4.11 -31.98 14.76
C GLY B 299 5.00 -32.40 15.92
N ARG B 300 4.87 -33.67 16.30
CA ARG B 300 5.34 -34.22 17.56
C ARG B 300 6.68 -33.68 18.03
N HIS B 301 7.62 -33.45 17.09
CA HIS B 301 8.99 -33.08 17.44
C HIS B 301 9.07 -31.78 18.23
N ALA B 302 8.02 -30.96 18.22
CA ALA B 302 8.08 -29.63 18.80
C ALA B 302 7.41 -29.53 20.16
N TRP B 303 6.62 -30.53 20.55
CA TRP B 303 5.76 -30.46 21.72
C TRP B 303 6.60 -30.55 23.01
N ILE B 304 6.33 -29.66 23.96
CA ILE B 304 7.03 -29.64 25.24
C ILE B 304 6.21 -30.37 26.29
N TRP B 305 6.78 -31.40 26.89
CA TRP B 305 6.09 -32.14 27.94
C TRP B 305 5.87 -31.23 29.15
N HIS B 306 4.64 -31.24 29.66
CA HIS B 306 4.28 -30.45 30.83
C HIS B 306 4.29 -31.39 32.03
N ASP B 307 5.17 -31.11 33.00
CA ASP B 307 5.29 -31.98 34.16
C ASP B 307 4.01 -31.98 34.99
N CYS B 308 3.51 -30.78 35.34
CA CYS B 308 2.39 -30.66 36.27
C CYS B 308 1.12 -31.31 35.73
N HIS B 309 0.88 -31.26 34.42
CA HIS B 309 -0.25 -31.99 33.85
C HIS B 309 0.10 -33.42 33.50
N ARG B 310 1.38 -33.68 33.23
CA ARG B 310 1.89 -34.96 32.76
C ARG B 310 1.33 -35.37 31.38
N HIS B 311 1.37 -34.54 30.38
CA HIS B 311 0.93 -35.01 29.09
C HIS B 311 1.65 -33.88 28.35
N TYR B 312 1.81 -34.05 27.05
CA TYR B 312 2.52 -33.11 26.16
C TYR B 312 1.77 -31.84 25.64
N HIS B 313 2.31 -30.65 25.51
CA HIS B 313 1.60 -29.48 25.02
C HIS B 313 2.05 -29.16 23.60
N SER B 314 1.17 -29.36 22.62
CA SER B 314 1.50 -29.12 21.22
C SER B 314 1.38 -27.66 20.82
N MET B 315 1.02 -26.76 21.73
CA MET B 315 1.09 -25.33 21.42
C MET B 315 1.50 -24.55 22.65
N GLU B 316 2.61 -23.84 22.54
CA GLU B 316 3.26 -23.18 23.67
C GLU B 316 2.43 -22.02 24.22
N VAL B 317 2.11 -21.05 23.38
CA VAL B 317 1.21 -19.97 23.77
C VAL B 317 -0.12 -20.24 23.06
N PHE B 318 -1.06 -20.75 23.84
CA PHE B 318 -2.41 -20.99 23.39
C PHE B 318 -3.38 -19.95 23.90
N THR B 319 -3.08 -19.30 25.03
CA THR B 319 -4.03 -18.37 25.64
C THR B 319 -3.29 -17.22 26.30
N HIS B 320 -4.04 -16.19 26.66
CA HIS B 320 -3.53 -15.00 27.37
C HIS B 320 -4.48 -14.74 28.52
N TYR B 321 -4.11 -15.21 29.72
CA TYR B 321 -4.87 -14.98 30.95
C TYR B 321 -4.33 -13.71 31.60
N ASP B 322 -5.15 -12.66 31.65
CA ASP B 322 -4.67 -11.38 32.13
C ASP B 322 -5.75 -10.69 32.93
N LEU B 323 -5.38 -9.92 33.92
CA LEU B 323 -6.36 -9.21 34.71
C LEU B 323 -5.92 -7.77 34.71
N LEU B 324 -6.67 -6.91 34.04
CA LEU B 324 -6.29 -5.51 33.96
C LEU B 324 -7.44 -4.58 34.28
N ASN B 325 -7.11 -3.31 34.44
CA ASN B 325 -8.12 -2.33 34.76
C ASN B 325 -8.72 -1.71 33.52
N LEU B 326 -9.45 -0.64 33.74
CA LEU B 326 -10.08 0.05 32.65
C LEU B 326 -9.03 0.67 31.72
N ASN B 327 -8.09 1.45 32.25
CA ASN B 327 -7.09 1.99 31.32
C ASN B 327 -6.84 0.97 30.23
N GLY B 328 -6.75 -0.31 30.62
CA GLY B 328 -6.36 -1.39 29.76
C GLY B 328 -5.01 -1.99 30.11
N THR B 329 -4.34 -1.44 31.12
CA THR B 329 -3.01 -1.87 31.49
C THR B 329 -3.06 -3.15 32.32
N LYS B 330 -1.99 -3.92 32.29
CA LYS B 330 -2.03 -5.22 32.93
C LYS B 330 -1.72 -5.07 34.40
N VAL B 331 -2.76 -5.01 35.22
CA VAL B 331 -2.60 -4.94 36.67
C VAL B 331 -1.99 -6.20 37.28
N ALA B 332 -2.40 -7.37 36.81
CA ALA B 332 -1.75 -8.63 37.17
C ALA B 332 -0.54 -8.85 36.29
N GLU B 333 0.37 -9.74 36.69
CA GLU B 333 1.44 -10.13 35.79
C GLU B 333 0.85 -10.87 34.60
N GLY B 334 -0.06 -11.77 34.88
CA GLY B 334 -0.72 -12.54 33.85
C GLY B 334 0.10 -13.74 33.42
N HIS B 335 -0.48 -14.54 32.54
CA HIS B 335 0.14 -15.77 32.08
C HIS B 335 -0.10 -15.98 30.59
N LYS B 336 0.42 -17.13 30.14
CA LYS B 336 0.53 -17.52 28.74
C LYS B 336 0.56 -19.04 28.79
N ALA B 337 -0.61 -19.65 28.75
CA ALA B 337 -0.73 -21.07 29.01
C ALA B 337 -0.33 -21.87 27.79
N SER B 338 0.48 -22.91 27.99
CA SER B 338 0.56 -23.96 26.99
C SER B 338 -0.56 -24.94 27.24
N PHE B 339 -0.98 -25.62 26.17
CA PHE B 339 -2.13 -26.52 26.18
C PHE B 339 -1.79 -27.76 25.39
N CYS B 340 -2.49 -28.84 25.72
CA CYS B 340 -2.63 -29.93 24.78
C CYS B 340 -3.95 -29.70 24.04
N LEU B 341 -4.10 -30.35 22.89
CA LEU B 341 -5.27 -30.17 22.03
C LEU B 341 -5.93 -31.53 21.86
N GLU B 342 -7.13 -31.67 22.43
CA GLU B 342 -7.76 -32.97 22.64
C GLU B 342 -9.27 -32.79 22.59
N ASP B 343 -9.98 -33.88 22.32
CA ASP B 343 -11.45 -33.90 22.26
C ASP B 343 -12.02 -34.39 23.59
N THR B 344 -12.30 -33.46 24.51
CA THR B 344 -12.92 -33.90 25.76
C THR B 344 -14.35 -34.37 25.53
N GLU B 345 -15.14 -33.63 24.74
CA GLU B 345 -16.46 -34.11 24.35
C GLU B 345 -16.90 -33.38 23.09
N CYS B 346 -18.04 -33.78 22.56
CA CYS B 346 -18.49 -33.39 21.23
C CYS B 346 -20.00 -33.32 21.19
N GLU B 347 -20.52 -32.27 20.57
CA GLU B 347 -21.97 -32.15 20.39
C GLU B 347 -22.53 -33.33 19.60
N GLY B 348 -23.83 -33.58 19.79
CA GLY B 348 -24.55 -34.62 19.08
C GLY B 348 -23.79 -35.91 18.86
N ASP B 349 -23.87 -36.44 17.65
CA ASP B 349 -23.22 -37.71 17.31
C ASP B 349 -21.84 -37.51 16.68
N ILE B 350 -21.08 -36.58 17.23
CA ILE B 350 -19.72 -36.35 16.74
C ILE B 350 -18.78 -37.12 17.64
N GLN B 351 -18.10 -38.10 17.08
CA GLN B 351 -17.17 -38.93 17.84
C GLN B 351 -15.84 -38.23 18.09
N LYS B 352 -15.29 -38.37 19.28
CA LYS B 352 -14.02 -37.71 19.57
C LYS B 352 -12.83 -38.35 18.86
N ASN B 353 -11.72 -37.64 18.85
CA ASN B 353 -10.54 -38.13 18.17
C ASN B 353 -9.21 -37.87 18.81
N TYR B 354 -8.85 -36.60 18.96
CA TYR B 354 -7.57 -36.23 19.53
C TYR B 354 -7.42 -36.48 21.02
N GLU B 355 -6.45 -37.33 21.37
CA GLU B 355 -6.15 -37.66 22.75
C GLU B 355 -4.66 -37.43 22.97
N CYS B 356 -4.30 -36.77 24.06
CA CYS B 356 -2.90 -36.38 24.28
C CYS B 356 -2.06 -37.46 24.93
N ALA B 357 -2.66 -38.34 25.74
CA ALA B 357 -1.91 -39.39 26.40
C ALA B 357 -1.32 -40.35 25.35
N ASN B 358 -0.29 -41.09 25.77
CA ASN B 358 0.46 -41.97 24.89
C ASN B 358 0.89 -41.24 23.63
N PHE B 359 1.40 -40.02 23.82
CA PHE B 359 1.93 -39.21 22.71
C PHE B 359 0.96 -39.15 21.54
N GLY B 360 -0.33 -39.06 21.85
CA GLY B 360 -1.35 -39.15 20.83
C GLY B 360 -1.38 -37.89 19.97
N ASP B 361 -1.88 -38.07 18.74
CA ASP B 361 -2.13 -36.96 17.83
C ASP B 361 -2.98 -35.90 18.53
N GLN B 362 -2.69 -34.64 18.24
CA GLN B 362 -3.37 -33.54 18.90
C GLN B 362 -4.11 -32.66 17.89
N GLY B 363 -5.12 -31.98 18.42
CA GLY B 363 -6.00 -31.10 17.68
C GLY B 363 -7.42 -31.28 18.14
N ILE B 364 -8.25 -30.27 17.91
CA ILE B 364 -9.64 -30.28 18.33
C ILE B 364 -10.54 -30.55 17.16
N THR B 365 -11.33 -31.60 17.24
CA THR B 365 -12.15 -31.98 16.11
C THR B 365 -13.31 -31.01 15.93
N MET B 366 -13.91 -31.10 14.75
CA MET B 366 -14.90 -30.16 14.31
C MET B 366 -16.21 -30.54 14.95
N GLY B 367 -16.73 -29.63 15.76
CA GLY B 367 -17.95 -29.86 16.51
C GLY B 367 -17.70 -30.39 17.89
N CYS B 368 -16.46 -30.33 18.36
CA CYS B 368 -16.09 -30.75 19.72
C CYS B 368 -15.43 -29.60 20.44
N TRP B 369 -14.79 -29.92 21.56
CA TRP B 369 -14.23 -28.90 22.42
C TRP B 369 -13.21 -29.51 23.34
N ASP B 370 -12.35 -28.65 23.86
CA ASP B 370 -11.20 -29.02 24.69
C ASP B 370 -11.37 -28.26 25.99
N MET B 371 -11.52 -29.01 27.08
CA MET B 371 -11.78 -28.46 28.41
C MET B 371 -10.50 -28.50 29.23
N TYR B 372 -10.14 -27.36 29.82
CA TYR B 372 -9.13 -27.28 30.88
C TYR B 372 -9.85 -26.88 32.17
N ARG B 373 -10.10 -27.88 33.04
CA ARG B 373 -10.95 -27.70 34.21
C ARG B 373 -10.29 -26.76 35.22
N HIS B 374 -11.13 -26.22 36.12
CA HIS B 374 -10.71 -25.19 37.05
C HIS B 374 -9.66 -25.67 38.05
N ASP B 375 -9.55 -26.98 38.27
CA ASP B 375 -8.63 -27.56 39.25
C ASP B 375 -7.23 -27.82 38.66
N ILE B 376 -7.18 -28.32 37.42
CA ILE B 376 -5.95 -28.55 36.64
C ILE B 376 -4.94 -27.44 36.89
N ASP B 377 -3.63 -27.76 36.81
CA ASP B 377 -2.63 -27.05 37.61
C ASP B 377 -2.30 -25.62 37.17
N CYS B 378 -2.41 -25.24 35.89
CA CYS B 378 -2.04 -23.86 35.54
C CYS B 378 -3.23 -23.07 34.97
N GLN B 379 -4.40 -23.31 35.55
CA GLN B 379 -5.68 -22.73 35.13
C GLN B 379 -6.06 -21.57 36.05
N TRP B 380 -5.17 -20.61 36.23
CA TRP B 380 -5.44 -19.48 37.11
C TRP B 380 -4.79 -18.21 36.56
N VAL B 381 -4.98 -17.12 37.29
CA VAL B 381 -4.13 -15.95 37.21
C VAL B 381 -3.67 -15.62 38.63
N ASP B 382 -2.40 -15.86 38.91
CA ASP B 382 -1.79 -15.43 40.16
C ASP B 382 -2.11 -13.96 40.44
N ILE B 383 -2.56 -13.68 41.65
CA ILE B 383 -3.27 -12.43 41.91
C ILE B 383 -2.77 -11.81 43.21
N THR B 384 -1.72 -12.40 43.78
CA THR B 384 -1.34 -12.13 45.16
C THR B 384 -0.86 -10.69 45.39
N ASP B 385 -0.25 -10.08 44.39
CA ASP B 385 0.14 -8.68 44.54
C ASP B 385 -1.02 -7.74 44.24
N VAL B 386 -2.10 -8.23 43.67
CA VAL B 386 -3.16 -7.34 43.19
C VAL B 386 -3.90 -6.74 44.39
N PRO B 387 -4.01 -5.42 44.48
CA PRO B 387 -4.88 -4.81 45.47
C PRO B 387 -6.33 -4.93 45.05
N PRO B 388 -7.28 -4.60 45.92
CA PRO B 388 -8.69 -4.62 45.52
C PRO B 388 -9.03 -3.47 44.57
N GLY B 389 -10.17 -3.59 43.93
CA GLY B 389 -10.61 -2.59 42.96
C GLY B 389 -11.43 -3.22 41.86
N ASP B 390 -11.83 -2.37 40.91
CA ASP B 390 -12.59 -2.80 39.74
C ASP B 390 -11.62 -3.06 38.59
N TYR B 391 -11.64 -4.28 38.05
CA TYR B 391 -10.74 -4.68 36.98
C TYR B 391 -11.47 -5.42 35.88
N LEU B 392 -10.85 -5.45 34.71
CA LEU B 392 -11.34 -6.25 33.60
C LEU B 392 -10.56 -7.55 33.51
N PHE B 393 -11.25 -8.62 33.13
CA PHE B 393 -10.70 -9.96 33.02
C PHE B 393 -10.79 -10.41 31.57
N GLN B 394 -9.67 -10.84 31.02
CA GLN B 394 -9.60 -11.15 29.60
C GLN B 394 -8.90 -12.48 29.38
N VAL B 395 -9.50 -13.31 28.53
CA VAL B 395 -8.85 -14.50 28.01
C VAL B 395 -8.82 -14.42 26.50
N VAL B 396 -7.63 -14.55 25.92
CA VAL B 396 -7.46 -14.56 24.49
C VAL B 396 -7.08 -15.98 24.08
N ILE B 397 -7.74 -16.51 23.09
CA ILE B 397 -7.44 -17.84 22.57
C ILE B 397 -6.60 -17.68 21.30
N ASN B 398 -5.59 -18.52 21.16
CA ASN B 398 -4.74 -18.54 19.97
C ASN B 398 -4.29 -17.13 19.62
N PRO B 399 -3.58 -16.44 20.55
CA PRO B 399 -3.44 -14.98 20.45
C PRO B 399 -2.30 -14.47 19.58
N ASN B 400 -1.45 -15.31 19.02
CA ASN B 400 -0.49 -14.84 18.04
C ASN B 400 -0.86 -15.26 16.62
N PHE B 401 -2.04 -15.83 16.45
CA PHE B 401 -2.56 -16.24 15.15
C PHE B 401 -1.70 -17.33 14.53
N GLU B 402 -1.10 -18.20 15.36
CA GLU B 402 -0.16 -19.19 14.81
C GLU B 402 -0.85 -20.17 13.87
N VAL B 403 -2.13 -20.43 14.10
CA VAL B 403 -2.88 -21.41 13.33
C VAL B 403 -4.02 -20.69 12.60
N ALA B 404 -4.35 -21.21 11.42
CA ALA B 404 -5.40 -20.60 10.63
C ALA B 404 -6.76 -20.81 11.29
N GLU B 405 -7.65 -19.83 11.09
CA GLU B 405 -9.00 -19.92 11.58
C GLU B 405 -9.92 -19.18 10.62
N SER B 406 -11.20 -19.58 10.63
CA SER B 406 -12.20 -18.90 9.81
C SER B 406 -12.57 -17.54 10.38
N ASP B 407 -12.39 -17.32 11.67
CA ASP B 407 -12.78 -16.06 12.30
C ASP B 407 -11.94 -15.86 13.56
N TYR B 408 -11.27 -14.72 13.67
CA TYR B 408 -10.56 -14.36 14.88
C TYR B 408 -11.28 -13.29 15.69
N SER B 409 -12.47 -12.83 15.25
CA SER B 409 -13.21 -11.84 16.04
C SER B 409 -14.01 -12.46 17.18
N ASN B 410 -14.08 -13.79 17.25
CA ASN B 410 -14.70 -14.45 18.37
C ASN B 410 -13.67 -14.98 19.32
N ASN B 411 -12.41 -14.72 19.04
CA ASN B 411 -11.29 -15.15 19.87
C ASN B 411 -11.10 -14.57 21.26
N ILE B 412 -11.39 -13.29 21.47
CA ILE B 412 -11.29 -12.71 22.82
C ILE B 412 -12.53 -12.90 23.72
N MET B 413 -12.30 -13.04 25.02
CA MET B 413 -13.38 -13.15 26.03
C MET B 413 -13.18 -12.14 27.15
N LYS B 414 -14.22 -11.44 27.57
CA LYS B 414 -14.05 -10.40 28.59
C LYS B 414 -15.12 -10.50 29.67
N CYS B 415 -14.73 -10.21 30.92
CA CYS B 415 -15.63 -10.15 32.08
C CYS B 415 -15.24 -8.97 32.96
N ARG B 416 -16.22 -8.29 33.53
CA ARG B 416 -15.93 -7.23 34.49
C ARG B 416 -15.88 -7.88 35.85
N SER B 417 -14.76 -7.70 36.54
CA SER B 417 -14.54 -8.37 37.81
C SER B 417 -14.16 -7.37 38.89
N ARG B 418 -14.61 -7.65 40.10
CA ARG B 418 -14.47 -6.74 41.25
C ARG B 418 -13.70 -7.46 42.37
N TYR B 419 -12.47 -7.03 42.61
CA TYR B 419 -11.63 -7.65 43.63
C TYR B 419 -11.86 -7.01 44.98
N ASP B 420 -12.26 -7.85 45.92
CA ASP B 420 -12.68 -7.45 47.23
C ASP B 420 -11.61 -7.66 48.28
N GLY B 421 -10.51 -8.22 47.84
CA GLY B 421 -9.37 -8.51 48.69
C GLY B 421 -9.62 -9.82 49.40
N HIS B 422 -10.88 -10.22 49.47
CA HIS B 422 -11.24 -11.48 50.09
C HIS B 422 -12.05 -12.36 49.15
N ARG B 423 -12.63 -11.74 48.14
CA ARG B 423 -13.46 -12.48 47.19
C ARG B 423 -13.54 -11.80 45.85
N ILE B 424 -13.89 -12.55 44.82
CA ILE B 424 -14.04 -12.01 43.48
C ILE B 424 -15.45 -12.19 42.93
N TRP B 425 -15.97 -11.17 42.26
CA TRP B 425 -17.20 -11.33 41.50
C TRP B 425 -16.94 -11.23 40.00
N MET B 426 -17.36 -12.24 39.25
CA MET B 426 -17.18 -12.23 37.81
C MET B 426 -18.49 -11.95 37.16
N TYR B 427 -18.51 -10.84 36.46
CA TYR B 427 -19.70 -10.14 36.08
C TYR B 427 -19.68 -9.89 34.58
N ASN B 428 -20.66 -10.43 33.85
CA ASN B 428 -20.87 -10.09 32.43
C ASN B 428 -19.88 -10.68 31.44
N CYS B 429 -19.57 -11.97 31.56
CA CYS B 429 -18.62 -12.63 30.66
C CYS B 429 -19.19 -12.81 29.26
N HIS B 430 -18.36 -12.57 28.25
CA HIS B 430 -18.81 -12.73 26.87
C HIS B 430 -17.65 -12.66 25.90
N ILE B 431 -17.89 -13.22 24.73
CA ILE B 431 -17.01 -13.11 23.57
C ILE B 431 -17.11 -11.70 22.97
N GLY B 432 -15.99 -11.21 22.45
CA GLY B 432 -15.91 -9.86 21.92
C GLY B 432 -17.08 -9.32 21.13
N GLY B 433 -17.31 -9.85 19.94
CA GLY B 433 -18.33 -9.28 19.08
C GLY B 433 -19.67 -9.96 19.20
N SER B 434 -20.09 -10.26 20.41
CA SER B 434 -21.34 -10.96 20.60
C SER B 434 -22.45 -9.95 20.78
N PHE B 435 -22.05 -8.74 21.14
CA PHE B 435 -22.98 -7.65 21.28
C PHE B 435 -22.74 -6.60 20.20
N SER B 436 -23.48 -5.51 20.26
CA SER B 436 -23.33 -4.40 19.32
C SER B 436 -22.32 -3.39 19.86
N GLU B 437 -21.92 -2.47 19.00
CA GLU B 437 -20.94 -1.44 19.37
C GLU B 437 -21.32 -0.66 20.63
N GLU B 438 -22.52 -0.09 20.64
CA GLU B 438 -22.98 0.70 21.77
C GLU B 438 -23.32 -0.13 23.01
N THR B 439 -23.68 -1.40 22.82
CA THR B 439 -23.98 -2.25 23.98
C THR B 439 -22.77 -3.01 24.50
N GLU B 440 -21.60 -2.69 23.97
CA GLU B 440 -20.33 -3.28 24.39
C GLU B 440 -19.53 -2.21 25.13
N LYS B 441 -19.64 -0.98 24.66
CA LYS B 441 -18.92 0.11 25.29
C LYS B 441 -19.43 0.32 26.71
N LYS B 442 -20.69 0.01 26.97
CA LYS B 442 -21.24 0.16 28.31
C LYS B 442 -20.54 -0.77 29.29
N PHE B 443 -20.17 -1.96 28.82
CA PHE B 443 -19.49 -2.95 29.66
C PHE B 443 -18.18 -2.39 30.20
N GLU B 444 -17.43 -1.71 29.34
CA GLU B 444 -16.14 -1.14 29.72
C GLU B 444 -16.34 0.11 30.59
N HIS B 445 -17.48 0.77 30.41
CA HIS B 445 -17.79 1.97 31.17
C HIS B 445 -17.98 1.65 32.65
N PHE B 446 -18.96 0.82 32.95
CA PHE B 446 -19.25 0.43 34.33
C PHE B 446 -18.09 -0.38 34.92
CA CA C . 10.65 16.77 -18.55
C1 NAG D . 29.24 19.84 3.22
C2 NAG D . 30.18 21.00 3.53
C3 NAG D . 30.27 21.25 5.03
C4 NAG D . 28.88 21.33 5.65
C5 NAG D . 28.02 20.16 5.21
C6 NAG D . 26.60 20.30 5.77
C7 NAG D . 32.21 21.65 2.37
C8 NAG D . 33.70 21.51 2.48
N2 NAG D . 31.50 20.71 2.99
O3 NAG D . 30.98 22.47 5.27
O4 NAG D . 29.00 21.34 7.08
O5 NAG D . 27.95 20.11 3.78
O6 NAG D . 26.34 19.21 6.67
O7 NAG D . 31.69 22.55 1.75
ZN ZN E . 9.63 37.11 -17.75
CA CA F . -12.08 -18.19 16.34
S SO4 G . -4.24 -4.43 -7.06
O1 SO4 G . -4.22 -3.27 -6.18
O2 SO4 G . -3.35 -5.46 -6.53
O3 SO4 G . -3.77 -4.03 -8.39
O4 SO4 G . -5.59 -4.96 -7.18
C1 NAG H . -3.97 3.33 35.03
C2 NAG H . -2.93 4.31 34.49
C3 NAG H . -1.73 4.41 35.42
C4 NAG H . -2.17 4.67 36.86
C5 NAG H . -3.22 3.64 37.27
C6 NAG H . -3.72 3.91 38.69
C7 NAG H . -2.71 4.65 32.10
C8 NAG H . -2.15 4.12 30.81
N2 NAG H . -2.50 3.89 33.18
O3 NAG H . -0.88 5.48 34.99
O4 NAG H . -1.05 4.58 37.73
O5 NAG H . -4.33 3.70 36.37
O6 NAG H . -4.97 3.25 38.90
O7 NAG H . -3.31 5.72 32.17
ZN ZN I . -1.87 -29.81 29.64
#